data_2JVV
#
_entry.id   2JVV
#
_entity_poly.entity_id   1
_entity_poly.type   'polypeptide(L)'
_entity_poly.pdbx_seq_one_letter_code
;MSEAPKKRWYVVQAFSGFEGRVATSLREHIKLHNMEDLFGEVMVPTEEVVEIRGGQRRKSERKFFPGYVLVQMVMNDASW
HLVRSVPRVMGFIGGTSDRPAPISDKEVDAIMNRLQQVGDKPRPKTLFEPGEMVRVNDGPFADFNGVVEEVDYEKSRLKV
SVSIFGRATPVELDFSQVEKA
;
_entity_poly.pdbx_strand_id   A
#
# COMPACT_ATOMS: atom_id res chain seq x y z
N ARG A 123 -15.36 4.84 3.73
CA ARG A 123 -15.48 3.48 4.31
C ARG A 123 -14.50 2.54 3.62
N PRO A 124 -13.20 2.82 3.74
CA PRO A 124 -12.15 2.00 3.13
C PRO A 124 -12.24 0.53 3.56
N LYS A 125 -11.91 -0.38 2.69
CA LYS A 125 -11.98 -1.82 3.05
C LYS A 125 -10.63 -2.27 3.62
N THR A 126 -10.64 -3.15 4.59
CA THR A 126 -9.35 -3.62 5.17
C THR A 126 -8.99 -4.98 4.57
N LEU A 127 -9.66 -5.37 3.53
CA LEU A 127 -9.36 -6.69 2.90
C LEU A 127 -8.34 -6.49 1.77
N PHE A 128 -7.08 -6.74 2.04
CA PHE A 128 -6.04 -6.57 1.00
C PHE A 128 -5.39 -7.91 0.70
N GLU A 129 -4.99 -8.14 -0.52
CA GLU A 129 -4.34 -9.42 -0.88
C GLU A 129 -3.16 -9.17 -1.82
N PRO A 130 -2.23 -10.12 -1.90
CA PRO A 130 -1.04 -10.00 -2.77
C PRO A 130 -1.43 -9.69 -4.21
N GLY A 131 -0.83 -8.69 -4.80
CA GLY A 131 -1.16 -8.34 -6.21
C GLY A 131 -2.31 -7.33 -6.23
N GLU A 132 -2.81 -6.95 -5.09
CA GLU A 132 -3.93 -5.97 -5.05
C GLU A 132 -3.34 -4.55 -5.05
N MET A 133 -3.91 -3.68 -5.85
CA MET A 133 -3.39 -2.28 -5.90
C MET A 133 -3.93 -1.49 -4.69
N VAL A 134 -3.17 -0.57 -4.19
CA VAL A 134 -3.63 0.23 -3.02
C VAL A 134 -3.40 1.72 -3.30
N ARG A 135 -3.77 2.56 -2.37
CA ARG A 135 -3.57 4.02 -2.59
C ARG A 135 -2.89 4.63 -1.36
N VAL A 136 -1.94 5.51 -1.58
CA VAL A 136 -1.23 6.13 -0.41
C VAL A 136 -1.70 7.58 -0.25
N ASN A 137 -2.02 7.98 0.94
CA ASN A 137 -2.48 9.38 1.17
C ASN A 137 -1.80 9.94 2.41
N ASP A 138 -0.70 9.37 2.82
CA ASP A 138 0.01 9.89 4.01
C ASP A 138 1.51 9.83 3.78
N GLY A 139 2.25 10.74 4.35
CA GLY A 139 3.73 10.74 4.16
C GLY A 139 4.06 11.15 2.73
N PRO A 140 5.36 11.24 2.40
CA PRO A 140 5.81 11.63 1.06
C PRO A 140 5.22 10.70 -0.01
N PHE A 141 4.78 9.54 0.36
CA PHE A 141 4.19 8.60 -0.64
C PHE A 141 2.71 8.93 -0.84
N ALA A 142 2.25 9.99 -0.26
CA ALA A 142 0.81 10.36 -0.42
C ALA A 142 0.53 10.74 -1.87
N ASP A 143 -0.65 10.49 -2.35
CA ASP A 143 -0.98 10.83 -3.76
C ASP A 143 -0.28 9.85 -4.70
N PHE A 144 -0.07 8.64 -4.26
CA PHE A 144 0.61 7.63 -5.13
C PHE A 144 -0.09 6.29 -5.00
N ASN A 145 -0.04 5.47 -6.02
CA ASN A 145 -0.71 4.15 -5.95
C ASN A 145 0.33 3.04 -6.10
N GLY A 146 0.00 1.84 -5.76
CA GLY A 146 0.97 0.72 -5.88
C GLY A 146 0.27 -0.61 -5.61
N VAL A 147 1.00 -1.68 -5.55
CA VAL A 147 0.38 -3.01 -5.27
C VAL A 147 0.98 -3.61 -4.00
N VAL A 148 0.24 -4.42 -3.30
CA VAL A 148 0.78 -5.03 -2.06
C VAL A 148 1.36 -6.40 -2.37
N GLU A 149 2.65 -6.50 -2.53
CA GLU A 149 3.28 -7.81 -2.84
C GLU A 149 3.18 -8.72 -1.61
N GLU A 150 3.30 -8.17 -0.44
CA GLU A 150 3.22 -9.01 0.79
C GLU A 150 2.32 -8.31 1.82
N VAL A 151 1.65 -9.06 2.64
CA VAL A 151 0.76 -8.44 3.66
C VAL A 151 1.11 -8.99 5.05
N ASP A 152 0.91 -8.21 6.08
CA ASP A 152 1.23 -8.69 7.45
C ASP A 152 0.10 -8.29 8.40
N TYR A 153 -0.91 -9.12 8.52
CA TYR A 153 -2.03 -8.79 9.42
C TYR A 153 -1.54 -8.80 10.87
N GLU A 154 -0.66 -9.69 11.21
CA GLU A 154 -0.14 -9.75 12.60
C GLU A 154 0.59 -8.46 12.92
N LYS A 155 1.40 -7.98 12.03
CA LYS A 155 2.15 -6.71 12.29
C LYS A 155 1.30 -5.51 11.83
N SER A 156 0.13 -5.77 11.33
CA SER A 156 -0.74 -4.64 10.86
C SER A 156 0.06 -3.76 9.89
N ARG A 157 0.64 -4.34 8.89
CA ARG A 157 1.43 -3.53 7.91
C ARG A 157 1.29 -4.14 6.52
N LEU A 158 1.16 -3.31 5.51
CA LEU A 158 1.03 -3.85 4.13
C LEU A 158 2.31 -3.58 3.35
N LYS A 159 2.79 -4.56 2.64
CA LYS A 159 4.04 -4.38 1.85
C LYS A 159 3.68 -3.94 0.43
N VAL A 160 3.65 -2.65 0.19
CA VAL A 160 3.31 -2.16 -1.17
C VAL A 160 4.42 -1.24 -1.69
N SER A 161 4.74 -1.32 -2.95
CA SER A 161 5.81 -0.46 -3.50
C SER A 161 5.19 0.66 -4.35
N VAL A 162 5.80 1.81 -4.38
CA VAL A 162 5.24 2.93 -5.19
C VAL A 162 6.12 3.17 -6.41
N SER A 163 5.53 3.29 -7.56
CA SER A 163 6.34 3.52 -8.81
C SER A 163 6.89 4.95 -8.79
N ILE A 164 8.01 5.15 -8.15
CA ILE A 164 8.60 6.52 -8.09
C ILE A 164 9.85 6.57 -8.98
N PHE A 165 10.03 7.65 -9.69
CA PHE A 165 11.23 7.76 -10.57
C PHE A 165 11.20 6.65 -11.62
N GLY A 166 10.06 6.04 -11.83
CA GLY A 166 9.97 4.95 -12.84
C GLY A 166 10.41 3.63 -12.20
N ARG A 167 10.68 3.64 -10.92
CA ARG A 167 11.11 2.38 -10.24
C ARG A 167 10.17 2.09 -9.07
N ALA A 168 9.90 0.83 -8.82
CA ALA A 168 8.99 0.49 -7.69
C ALA A 168 9.68 0.79 -6.36
N THR A 169 8.95 1.27 -5.40
CA THR A 169 9.56 1.60 -4.09
C THR A 169 8.82 0.86 -2.97
N PRO A 170 9.06 -0.45 -2.86
CA PRO A 170 8.42 -1.29 -1.84
C PRO A 170 8.49 -0.65 -0.45
N VAL A 171 7.39 -0.14 0.03
CA VAL A 171 7.37 0.50 1.37
C VAL A 171 6.24 -0.09 2.22
N GLU A 172 6.37 -0.05 3.52
CA GLU A 172 5.31 -0.61 4.39
C GLU A 172 4.35 0.51 4.81
N LEU A 173 3.08 0.35 4.53
CA LEU A 173 2.11 1.41 4.92
C LEU A 173 0.98 0.78 5.74
N ASP A 174 0.42 1.52 6.66
CA ASP A 174 -0.68 0.96 7.50
C ASP A 174 -1.97 0.93 6.68
N PHE A 175 -2.96 0.21 7.14
CA PHE A 175 -4.24 0.14 6.37
C PHE A 175 -4.84 1.53 6.27
N SER A 176 -4.79 2.30 7.32
CA SER A 176 -5.36 3.67 7.28
C SER A 176 -4.42 4.59 6.50
N GLN A 177 -3.16 4.28 6.48
CA GLN A 177 -2.18 5.13 5.73
C GLN A 177 -2.44 5.01 4.24
N VAL A 178 -2.99 3.91 3.81
CA VAL A 178 -3.27 3.73 2.35
C VAL A 178 -4.73 3.32 2.16
N GLU A 179 -5.26 3.52 0.99
CA GLU A 179 -6.68 3.15 0.74
C GLU A 179 -6.73 2.00 -0.27
N LYS A 180 -7.73 1.16 -0.17
CA LYS A 180 -7.84 0.02 -1.12
C LYS A 180 -8.21 0.55 -2.51
N ALA A 181 -7.56 0.05 -3.53
CA ALA A 181 -7.87 0.52 -4.91
C ALA A 181 -8.74 -0.50 -5.62
N ARG A 123 -20.82 -1.58 6.88
CA ARG A 123 -19.56 -1.84 7.65
C ARG A 123 -18.44 -2.20 6.66
N PRO A 124 -17.76 -1.18 6.12
CA PRO A 124 -16.67 -1.39 5.17
C PRO A 124 -15.52 -2.20 5.78
N LYS A 125 -14.90 -3.05 5.00
CA LYS A 125 -13.78 -3.86 5.55
C LYS A 125 -12.55 -3.71 4.65
N THR A 126 -11.38 -3.62 5.24
CA THR A 126 -10.14 -3.45 4.42
C THR A 126 -9.50 -4.82 4.20
N LEU A 127 -9.79 -5.45 3.09
CA LEU A 127 -9.18 -6.78 2.83
C LEU A 127 -8.03 -6.64 1.82
N PHE A 128 -6.85 -6.35 2.31
CA PHE A 128 -5.70 -6.19 1.38
C PHE A 128 -5.13 -7.57 1.03
N GLU A 129 -4.93 -7.83 -0.23
CA GLU A 129 -4.38 -9.16 -0.62
C GLU A 129 -3.22 -8.96 -1.61
N PRO A 130 -2.29 -9.93 -1.65
CA PRO A 130 -1.12 -9.86 -2.54
C PRO A 130 -1.54 -9.61 -4.00
N GLY A 131 -0.95 -8.63 -4.63
CA GLY A 131 -1.31 -8.34 -6.05
C GLY A 131 -2.53 -7.41 -6.08
N GLU A 132 -2.91 -6.87 -4.95
CA GLU A 132 -4.08 -5.95 -4.92
C GLU A 132 -3.60 -4.50 -5.00
N MET A 133 -4.13 -3.74 -5.93
CA MET A 133 -3.69 -2.32 -6.05
C MET A 133 -4.08 -1.55 -4.79
N VAL A 134 -3.18 -0.77 -4.27
CA VAL A 134 -3.50 0.00 -3.02
C VAL A 134 -3.29 1.50 -3.29
N ARG A 135 -3.55 2.33 -2.32
CA ARG A 135 -3.36 3.80 -2.51
C ARG A 135 -2.65 4.38 -1.28
N VAL A 136 -1.66 5.19 -1.49
CA VAL A 136 -0.94 5.79 -0.33
C VAL A 136 -1.32 7.26 -0.20
N ASN A 137 -1.65 7.69 1.00
CA ASN A 137 -2.04 9.11 1.19
C ASN A 137 -1.26 9.70 2.37
N ASP A 138 -0.18 9.07 2.74
CA ASP A 138 0.63 9.58 3.88
C ASP A 138 2.12 9.57 3.51
N GLY A 139 2.85 10.54 3.95
CA GLY A 139 4.31 10.58 3.63
C GLY A 139 4.49 10.94 2.15
N PRO A 140 5.75 11.08 1.71
CA PRO A 140 6.06 11.43 0.32
C PRO A 140 5.33 10.51 -0.68
N PHE A 141 4.91 9.36 -0.23
CA PHE A 141 4.20 8.43 -1.15
C PHE A 141 2.71 8.77 -1.15
N ALA A 142 2.34 9.90 -0.62
CA ALA A 142 0.90 10.28 -0.59
C ALA A 142 0.42 10.59 -2.00
N ASP A 143 -0.80 10.24 -2.33
CA ASP A 143 -1.31 10.52 -3.70
C ASP A 143 -0.54 9.69 -4.72
N PHE A 144 -0.42 8.42 -4.49
CA PHE A 144 0.32 7.56 -5.46
C PHE A 144 -0.34 6.19 -5.54
N ASN A 145 -0.33 5.58 -6.69
CA ASN A 145 -0.96 4.24 -6.84
C ASN A 145 0.11 3.15 -6.77
N GLY A 146 -0.20 2.04 -6.12
CA GLY A 146 0.80 0.95 -6.02
C GLY A 146 0.08 -0.37 -5.74
N VAL A 147 0.81 -1.42 -5.49
CA VAL A 147 0.16 -2.73 -5.20
C VAL A 147 0.80 -3.35 -3.95
N VAL A 148 0.06 -4.16 -3.24
CA VAL A 148 0.63 -4.80 -2.02
C VAL A 148 1.16 -6.19 -2.36
N GLU A 149 2.43 -6.41 -2.20
CA GLU A 149 3.00 -7.75 -2.53
C GLU A 149 2.59 -8.75 -1.44
N GLU A 150 2.64 -8.35 -0.20
CA GLU A 150 2.25 -9.28 0.90
C GLU A 150 1.62 -8.48 2.04
N VAL A 151 0.91 -9.14 2.92
CA VAL A 151 0.26 -8.41 4.05
C VAL A 151 0.62 -9.11 5.37
N ASP A 152 0.62 -8.38 6.44
CA ASP A 152 0.96 -8.99 7.76
C ASP A 152 -0.13 -8.65 8.78
N TYR A 153 -1.06 -9.53 8.99
CA TYR A 153 -2.14 -9.26 9.97
C TYR A 153 -1.56 -9.18 11.38
N GLU A 154 -0.65 -10.07 11.70
CA GLU A 154 -0.04 -10.05 13.05
C GLU A 154 0.72 -8.74 13.26
N LYS A 155 1.42 -8.28 12.25
CA LYS A 155 2.18 -7.01 12.37
C LYS A 155 1.32 -5.84 11.89
N SER A 156 0.13 -6.12 11.43
CA SER A 156 -0.75 -5.02 10.94
C SER A 156 0.05 -4.10 10.01
N ARG A 157 0.70 -4.67 9.04
CA ARG A 157 1.50 -3.82 8.10
C ARG A 157 1.29 -4.32 6.66
N LEU A 158 1.19 -3.42 5.72
CA LEU A 158 0.98 -3.83 4.30
C LEU A 158 2.25 -3.57 3.50
N LYS A 159 2.63 -4.50 2.66
CA LYS A 159 3.86 -4.29 1.85
C LYS A 159 3.48 -3.83 0.44
N VAL A 160 3.51 -2.54 0.20
CA VAL A 160 3.14 -2.03 -1.15
C VAL A 160 4.29 -1.18 -1.70
N SER A 161 4.56 -1.32 -2.97
CA SER A 161 5.67 -0.51 -3.57
C SER A 161 5.08 0.57 -4.49
N VAL A 162 5.73 1.69 -4.59
CA VAL A 162 5.20 2.78 -5.46
C VAL A 162 6.21 3.07 -6.58
N SER A 163 5.75 3.16 -7.79
CA SER A 163 6.68 3.44 -8.92
C SER A 163 6.92 4.95 -9.02
N ILE A 164 7.82 5.47 -8.24
CA ILE A 164 8.11 6.93 -8.29
C ILE A 164 9.40 7.18 -9.07
N PHE A 165 9.42 8.19 -9.89
CA PHE A 165 10.65 8.48 -10.67
C PHE A 165 10.94 7.31 -11.62
N GLY A 166 10.00 6.42 -11.79
CA GLY A 166 10.22 5.26 -12.69
C GLY A 166 10.94 4.14 -11.94
N ARG A 167 11.15 4.32 -10.66
CA ARG A 167 11.83 3.25 -9.87
C ARG A 167 10.87 2.72 -8.80
N ALA A 168 10.87 1.44 -8.59
CA ALA A 168 9.96 0.85 -7.56
C ALA A 168 10.42 1.29 -6.17
N THR A 169 9.49 1.63 -5.31
CA THR A 169 9.88 2.07 -3.94
C THR A 169 9.13 1.22 -2.91
N PRO A 170 9.61 -0.02 -2.68
CA PRO A 170 9.00 -0.94 -1.72
C PRO A 170 8.86 -0.31 -0.33
N VAL A 171 7.67 0.10 0.03
CA VAL A 171 7.48 0.72 1.37
C VAL A 171 6.30 0.05 2.08
N GLU A 172 6.29 0.08 3.38
CA GLU A 172 5.17 -0.57 4.13
C GLU A 172 4.27 0.52 4.74
N LEU A 173 2.99 0.42 4.55
CA LEU A 173 2.07 1.44 5.11
C LEU A 173 0.98 0.75 5.92
N ASP A 174 0.36 1.45 6.84
CA ASP A 174 -0.71 0.83 7.66
C ASP A 174 -2.00 0.74 6.83
N PHE A 175 -3.03 0.14 7.37
CA PHE A 175 -4.30 0.03 6.61
C PHE A 175 -4.90 1.42 6.40
N SER A 176 -4.87 2.25 7.41
CA SER A 176 -5.44 3.62 7.25
C SER A 176 -4.44 4.50 6.49
N GLN A 177 -3.18 4.17 6.55
CA GLN A 177 -2.17 4.98 5.82
C GLN A 177 -2.37 4.81 4.30
N VAL A 178 -3.05 3.78 3.90
CA VAL A 178 -3.28 3.55 2.44
C VAL A 178 -4.71 3.09 2.20
N GLU A 179 -5.19 3.19 1.00
CA GLU A 179 -6.58 2.76 0.71
C GLU A 179 -6.58 1.78 -0.47
N LYS A 180 -7.58 0.94 -0.56
CA LYS A 180 -7.62 -0.04 -1.69
C LYS A 180 -8.26 0.62 -2.91
N ALA A 181 -7.79 0.30 -4.08
CA ALA A 181 -8.38 0.91 -5.31
C ALA A 181 -9.43 -0.03 -5.89
N ARG A 123 -20.48 -0.65 0.18
CA ARG A 123 -20.02 -1.89 0.89
C ARG A 123 -18.54 -2.12 0.59
N PRO A 124 -17.74 -1.03 0.64
CA PRO A 124 -16.30 -1.11 0.38
C PRO A 124 -15.60 -2.12 1.30
N LYS A 125 -14.61 -2.81 0.80
CA LYS A 125 -13.90 -3.81 1.65
C LYS A 125 -12.47 -3.33 1.90
N THR A 126 -11.95 -3.58 3.08
CA THR A 126 -10.55 -3.15 3.38
C THR A 126 -9.64 -4.38 3.44
N LEU A 127 -10.05 -5.46 2.83
CA LEU A 127 -9.20 -6.69 2.85
C LEU A 127 -8.15 -6.60 1.74
N PHE A 128 -6.94 -6.22 2.07
CA PHE A 128 -5.88 -6.11 1.03
C PHE A 128 -5.29 -7.50 0.77
N GLU A 129 -5.15 -7.87 -0.47
CA GLU A 129 -4.58 -9.20 -0.80
C GLU A 129 -3.43 -9.03 -1.80
N PRO A 130 -2.34 -9.78 -1.60
CA PRO A 130 -1.17 -9.72 -2.48
C PRO A 130 -1.57 -9.58 -3.96
N GLY A 131 -1.02 -8.62 -4.64
CA GLY A 131 -1.37 -8.44 -6.09
C GLY A 131 -2.57 -7.49 -6.19
N GLU A 132 -2.94 -6.86 -5.11
CA GLU A 132 -4.10 -5.92 -5.14
C GLU A 132 -3.60 -4.48 -5.14
N MET A 133 -4.14 -3.64 -5.98
CA MET A 133 -3.68 -2.22 -6.01
C MET A 133 -4.18 -1.50 -4.76
N VAL A 134 -3.36 -0.66 -4.19
CA VAL A 134 -3.78 0.08 -2.96
C VAL A 134 -3.57 1.58 -3.17
N ARG A 135 -3.93 2.38 -2.20
CA ARG A 135 -3.74 3.85 -2.35
C ARG A 135 -2.95 4.39 -1.16
N VAL A 136 -2.12 5.37 -1.39
CA VAL A 136 -1.31 5.93 -0.27
C VAL A 136 -1.77 7.36 0.03
N ASN A 137 -1.99 7.68 1.27
CA ASN A 137 -2.45 9.05 1.62
C ASN A 137 -1.60 9.60 2.77
N ASP A 138 -0.49 8.97 3.05
CA ASP A 138 0.38 9.45 4.16
C ASP A 138 1.84 9.28 3.77
N GLY A 139 2.68 10.20 4.16
CA GLY A 139 4.13 10.10 3.80
C GLY A 139 4.34 10.56 2.36
N PRO A 140 5.60 10.71 1.94
CA PRO A 140 5.95 11.15 0.59
C PRO A 140 5.30 10.26 -0.48
N PHE A 141 4.95 9.05 -0.13
CA PHE A 141 4.32 8.13 -1.12
C PHE A 141 2.81 8.40 -1.18
N ALA A 142 2.35 9.40 -0.48
CA ALA A 142 0.90 9.70 -0.49
C ALA A 142 0.49 10.23 -1.87
N ASP A 143 -0.71 9.98 -2.29
CA ASP A 143 -1.16 10.47 -3.63
C ASP A 143 -0.53 9.60 -4.72
N PHE A 144 -0.24 8.37 -4.43
CA PHE A 144 0.37 7.48 -5.45
C PHE A 144 -0.32 6.11 -5.42
N ASN A 145 -0.46 5.49 -6.56
CA ASN A 145 -1.13 4.16 -6.60
C ASN A 145 -0.07 3.06 -6.62
N GLY A 146 -0.29 1.98 -5.91
CA GLY A 146 0.72 0.88 -5.89
C GLY A 146 0.01 -0.44 -5.57
N VAL A 147 0.76 -1.49 -5.38
CA VAL A 147 0.14 -2.81 -5.07
C VAL A 147 0.80 -3.40 -3.83
N VAL A 148 0.09 -4.22 -3.10
CA VAL A 148 0.68 -4.82 -1.87
C VAL A 148 1.30 -6.18 -2.22
N GLU A 149 2.60 -6.26 -2.24
CA GLU A 149 3.27 -7.54 -2.57
C GLU A 149 3.06 -8.54 -1.42
N GLU A 150 3.13 -8.07 -0.21
CA GLU A 150 2.93 -8.99 0.95
C GLU A 150 2.08 -8.28 2.02
N VAL A 151 1.44 -9.04 2.88
CA VAL A 151 0.61 -8.41 3.94
C VAL A 151 1.01 -8.97 5.30
N ASP A 152 0.85 -8.19 6.34
CA ASP A 152 1.23 -8.68 7.69
C ASP A 152 0.12 -8.34 8.68
N TYR A 153 -0.86 -9.19 8.82
CA TYR A 153 -1.97 -8.92 9.77
C TYR A 153 -1.42 -8.86 11.20
N GLU A 154 -0.49 -9.72 11.52
CA GLU A 154 0.08 -9.69 12.90
C GLU A 154 0.78 -8.36 13.16
N LYS A 155 1.50 -7.87 12.18
CA LYS A 155 2.21 -6.57 12.36
C LYS A 155 1.30 -5.43 11.88
N SER A 156 0.08 -5.74 11.51
CA SER A 156 -0.83 -4.66 11.04
C SER A 156 -0.09 -3.73 10.09
N ARG A 157 0.56 -4.27 9.10
CA ARG A 157 1.32 -3.42 8.13
C ARG A 157 1.23 -4.03 6.73
N LEU A 158 1.01 -3.23 5.73
CA LEU A 158 0.93 -3.77 4.35
C LEU A 158 2.17 -3.37 3.55
N LYS A 159 2.74 -4.28 2.81
CA LYS A 159 3.96 -3.94 2.02
C LYS A 159 3.54 -3.56 0.60
N VAL A 160 3.66 -2.31 0.25
CA VAL A 160 3.28 -1.88 -1.12
C VAL A 160 4.44 -1.10 -1.75
N SER A 161 4.67 -1.28 -3.02
CA SER A 161 5.77 -0.54 -3.69
C SER A 161 5.19 0.55 -4.59
N VAL A 162 5.88 1.65 -4.73
CA VAL A 162 5.37 2.74 -5.60
C VAL A 162 6.35 3.00 -6.74
N SER A 163 5.86 3.10 -7.95
CA SER A 163 6.77 3.34 -9.10
C SER A 163 7.03 4.85 -9.22
N ILE A 164 7.96 5.36 -8.46
CA ILE A 164 8.27 6.82 -8.52
C ILE A 164 9.60 7.02 -9.24
N PHE A 165 9.71 8.07 -10.03
CA PHE A 165 10.98 8.32 -10.76
C PHE A 165 11.25 7.17 -11.73
N GLY A 166 10.27 6.34 -11.97
CA GLY A 166 10.49 5.19 -12.90
C GLY A 166 11.18 4.05 -12.15
N ARG A 167 11.28 4.16 -10.85
CA ARG A 167 11.94 3.08 -10.07
C ARG A 167 10.98 2.54 -9.01
N ALA A 168 10.98 1.25 -8.79
CA ALA A 168 10.06 0.68 -7.77
C ALA A 168 10.54 1.05 -6.37
N THR A 169 9.64 1.43 -5.50
CA THR A 169 10.06 1.80 -4.12
C THR A 169 9.19 1.06 -3.10
N PRO A 170 9.48 -0.23 -2.90
CA PRO A 170 8.73 -1.07 -1.95
C PRO A 170 8.66 -0.44 -0.56
N VAL A 171 7.50 -0.03 -0.15
CA VAL A 171 7.37 0.61 1.19
C VAL A 171 6.20 -0.05 1.94
N GLU A 172 6.22 0.00 3.25
CA GLU A 172 5.12 -0.61 4.03
C GLU A 172 4.21 0.48 4.59
N LEU A 173 2.92 0.30 4.50
CA LEU A 173 1.99 1.34 5.03
C LEU A 173 0.89 0.67 5.85
N ASP A 174 0.40 1.34 6.85
CA ASP A 174 -0.68 0.74 7.69
C ASP A 174 -1.97 0.64 6.87
N PHE A 175 -2.96 -0.03 7.40
CA PHE A 175 -4.24 -0.17 6.64
C PHE A 175 -4.90 1.20 6.49
N SER A 176 -4.98 1.96 7.55
CA SER A 176 -5.60 3.31 7.47
C SER A 176 -4.68 4.24 6.68
N GLN A 177 -3.40 3.99 6.71
CA GLN A 177 -2.45 4.87 5.97
C GLN A 177 -2.66 4.70 4.46
N VAL A 178 -3.25 3.61 4.07
CA VAL A 178 -3.49 3.37 2.61
C VAL A 178 -4.94 2.95 2.39
N GLU A 179 -5.43 3.09 1.19
CA GLU A 179 -6.84 2.70 0.90
C GLU A 179 -6.89 1.77 -0.30
N LYS A 180 -7.99 1.13 -0.54
CA LYS A 180 -8.10 0.21 -1.70
C LYS A 180 -8.00 1.01 -3.00
N ALA A 181 -7.41 0.45 -4.02
CA ALA A 181 -7.28 1.18 -5.31
C ALA A 181 -8.66 1.37 -5.93
N ARG A 123 -16.64 3.04 1.43
CA ARG A 123 -15.59 2.86 2.47
C ARG A 123 -14.67 1.70 2.07
N PRO A 124 -13.36 1.97 1.99
CA PRO A 124 -12.36 0.95 1.63
C PRO A 124 -12.42 -0.25 2.56
N LYS A 125 -12.18 -1.43 2.04
CA LYS A 125 -12.22 -2.64 2.90
C LYS A 125 -10.83 -2.91 3.47
N THR A 126 -10.75 -3.51 4.63
CA THR A 126 -9.42 -3.79 5.24
C THR A 126 -8.91 -5.15 4.75
N LEU A 127 -9.50 -5.67 3.70
CA LEU A 127 -9.05 -6.99 3.17
C LEU A 127 -8.03 -6.76 2.05
N PHE A 128 -6.77 -6.74 2.37
CA PHE A 128 -5.73 -6.52 1.33
C PHE A 128 -5.01 -7.83 1.04
N GLU A 129 -4.70 -8.10 -0.20
CA GLU A 129 -3.99 -9.37 -0.54
C GLU A 129 -3.01 -9.11 -1.68
N PRO A 130 -1.99 -9.96 -1.82
CA PRO A 130 -0.98 -9.84 -2.88
C PRO A 130 -1.62 -9.65 -4.25
N GLY A 131 -1.21 -8.64 -4.98
CA GLY A 131 -1.80 -8.42 -6.32
C GLY A 131 -2.92 -7.39 -6.23
N GLU A 132 -3.24 -6.95 -5.05
CA GLU A 132 -4.34 -5.94 -4.90
C GLU A 132 -3.74 -4.53 -4.91
N MET A 133 -4.28 -3.67 -5.72
CA MET A 133 -3.75 -2.28 -5.79
C MET A 133 -4.24 -1.49 -4.57
N VAL A 134 -3.44 -0.60 -4.06
CA VAL A 134 -3.86 0.20 -2.88
C VAL A 134 -3.62 1.69 -3.15
N ARG A 135 -3.97 2.54 -2.23
CA ARG A 135 -3.77 4.00 -2.44
C ARG A 135 -3.08 4.60 -1.20
N VAL A 136 -2.17 5.51 -1.41
CA VAL A 136 -1.46 6.13 -0.25
C VAL A 136 -1.85 7.61 -0.14
N ASN A 137 -2.13 8.07 1.04
CA ASN A 137 -2.52 9.50 1.21
C ASN A 137 -1.66 10.14 2.30
N ASP A 138 -0.55 9.53 2.63
CA ASP A 138 0.32 10.10 3.69
C ASP A 138 1.79 9.95 3.27
N GLY A 139 2.67 10.67 3.91
CA GLY A 139 4.12 10.57 3.55
C GLY A 139 4.30 10.92 2.08
N PRO A 140 5.56 11.03 1.63
CA PRO A 140 5.88 11.36 0.23
C PRO A 140 5.16 10.43 -0.75
N PHE A 141 4.75 9.27 -0.31
CA PHE A 141 4.05 8.32 -1.23
C PHE A 141 2.57 8.72 -1.32
N ALA A 142 2.20 9.83 -0.74
CA ALA A 142 0.78 10.26 -0.81
C ALA A 142 0.39 10.51 -2.27
N ASP A 143 -0.82 10.18 -2.63
CA ASP A 143 -1.26 10.41 -4.04
C ASP A 143 -0.47 9.49 -4.97
N PHE A 144 -0.39 8.22 -4.64
CA PHE A 144 0.37 7.28 -5.51
C PHE A 144 -0.32 5.90 -5.48
N ASN A 145 -0.58 5.34 -6.62
CA ASN A 145 -1.24 4.00 -6.65
C ASN A 145 -0.17 2.91 -6.68
N GLY A 146 -0.36 1.85 -5.93
CA GLY A 146 0.64 0.76 -5.91
C GLY A 146 -0.05 -0.56 -5.56
N VAL A 147 0.69 -1.64 -5.56
CA VAL A 147 0.08 -2.96 -5.22
C VAL A 147 0.74 -3.53 -3.97
N VAL A 148 0.07 -4.39 -3.27
CA VAL A 148 0.67 -4.99 -2.04
C VAL A 148 1.44 -6.25 -2.41
N GLU A 149 2.74 -6.20 -2.39
CA GLU A 149 3.56 -7.39 -2.73
C GLU A 149 3.48 -8.41 -1.59
N GLU A 150 3.37 -7.93 -0.38
CA GLU A 150 3.30 -8.87 0.78
C GLU A 150 2.34 -8.28 1.84
N VAL A 151 1.67 -9.12 2.57
CA VAL A 151 0.73 -8.62 3.61
C VAL A 151 1.08 -9.24 4.96
N ASP A 152 0.88 -8.51 6.02
CA ASP A 152 1.21 -9.05 7.37
C ASP A 152 0.03 -8.79 8.32
N TYR A 153 -0.93 -9.67 8.36
CA TYR A 153 -2.10 -9.46 9.27
C TYR A 153 -1.62 -9.40 10.71
N GLU A 154 -0.69 -10.24 11.08
CA GLU A 154 -0.18 -10.23 12.47
C GLU A 154 0.47 -8.87 12.77
N LYS A 155 1.21 -8.33 11.84
CA LYS A 155 1.86 -7.02 12.08
C LYS A 155 0.94 -5.89 11.59
N SER A 156 -0.23 -6.22 11.14
CA SER A 156 -1.18 -5.18 10.65
C SER A 156 -0.42 -4.18 9.78
N ARG A 157 0.29 -4.66 8.78
CA ARG A 157 1.04 -3.73 7.90
C ARG A 157 0.86 -4.16 6.44
N LEU A 158 1.03 -3.24 5.52
CA LEU A 158 0.86 -3.60 4.08
C LEU A 158 2.17 -3.33 3.33
N LYS A 159 2.71 -4.33 2.68
CA LYS A 159 3.99 -4.13 1.93
C LYS A 159 3.66 -3.72 0.50
N VAL A 160 3.59 -2.44 0.24
CA VAL A 160 3.30 -1.97 -1.15
C VAL A 160 4.50 -1.19 -1.69
N SER A 161 4.69 -1.22 -2.99
CA SER A 161 5.84 -0.48 -3.57
C SER A 161 5.32 0.56 -4.56
N VAL A 162 5.80 1.77 -4.46
CA VAL A 162 5.33 2.84 -5.38
C VAL A 162 6.40 3.08 -6.47
N SER A 163 6.00 3.12 -7.70
CA SER A 163 6.98 3.34 -8.79
C SER A 163 7.35 4.83 -8.85
N ILE A 164 8.25 5.26 -8.00
CA ILE A 164 8.65 6.69 -8.01
C ILE A 164 9.97 6.86 -8.75
N PHE A 165 10.13 7.91 -9.50
CA PHE A 165 11.39 8.13 -10.25
C PHE A 165 11.55 7.02 -11.29
N GLY A 166 10.50 6.34 -11.62
CA GLY A 166 10.59 5.24 -12.63
C GLY A 166 11.11 3.97 -11.96
N ARG A 167 11.29 4.00 -10.67
CA ARG A 167 11.79 2.78 -9.96
C ARG A 167 10.81 2.40 -8.85
N ALA A 168 10.60 1.13 -8.65
CA ALA A 168 9.66 0.70 -7.58
C ALA A 168 10.24 1.04 -6.21
N THR A 169 9.41 1.41 -5.27
CA THR A 169 9.92 1.76 -3.91
C THR A 169 9.14 0.97 -2.86
N PRO A 170 9.42 -0.34 -2.76
CA PRO A 170 8.75 -1.22 -1.79
C PRO A 170 8.75 -0.61 -0.38
N VAL A 171 7.63 -0.13 0.06
CA VAL A 171 7.56 0.47 1.43
C VAL A 171 6.33 -0.06 2.16
N GLU A 172 6.37 -0.09 3.47
CA GLU A 172 5.20 -0.60 4.24
C GLU A 172 4.33 0.58 4.70
N LEU A 173 3.05 0.47 4.56
CA LEU A 173 2.15 1.58 4.99
C LEU A 173 1.11 1.05 5.98
N ASP A 174 0.52 1.92 6.75
CA ASP A 174 -0.50 1.45 7.74
C ASP A 174 -1.86 1.31 7.04
N PHE A 175 -2.76 0.57 7.63
CA PHE A 175 -4.10 0.38 7.01
C PHE A 175 -4.71 1.76 6.72
N SER A 176 -4.73 2.63 7.69
CA SER A 176 -5.32 3.98 7.46
C SER A 176 -4.37 4.82 6.61
N GLN A 177 -3.10 4.50 6.64
CA GLN A 177 -2.13 5.29 5.83
C GLN A 177 -2.43 5.11 4.34
N VAL A 178 -3.02 4.01 3.98
CA VAL A 178 -3.35 3.77 2.54
C VAL A 178 -4.83 3.39 2.41
N GLU A 179 -5.37 3.51 1.23
CA GLU A 179 -6.81 3.15 1.04
C GLU A 179 -6.92 2.00 0.04
N LYS A 180 -7.91 1.16 0.20
CA LYS A 180 -8.07 0.01 -0.74
C LYS A 180 -8.43 0.54 -2.12
N ALA A 181 -7.74 0.08 -3.14
CA ALA A 181 -8.06 0.56 -4.52
C ALA A 181 -9.23 -0.25 -5.09
N ARG A 123 -16.96 2.75 1.73
CA ARG A 123 -16.89 1.55 2.60
C ARG A 123 -15.73 0.65 2.14
N PRO A 124 -14.51 1.21 2.16
CA PRO A 124 -13.31 0.46 1.75
C PRO A 124 -13.14 -0.83 2.55
N LYS A 125 -12.62 -1.85 1.93
CA LYS A 125 -12.43 -3.15 2.65
C LYS A 125 -11.02 -3.19 3.26
N THR A 126 -10.88 -3.78 4.41
CA THR A 126 -9.54 -3.85 5.05
C THR A 126 -8.86 -5.16 4.66
N LEU A 127 -9.40 -5.86 3.71
CA LEU A 127 -8.78 -7.15 3.29
C LEU A 127 -7.91 -6.92 2.05
N PHE A 128 -6.63 -6.72 2.25
CA PHE A 128 -5.73 -6.48 1.10
C PHE A 128 -5.00 -7.78 0.74
N GLU A 129 -4.92 -8.10 -0.52
CA GLU A 129 -4.22 -9.35 -0.93
C GLU A 129 -3.14 -9.02 -1.96
N PRO A 130 -2.10 -9.86 -2.03
CA PRO A 130 -0.99 -9.66 -2.98
C PRO A 130 -1.49 -9.39 -4.39
N GLY A 131 -0.93 -8.41 -5.05
CA GLY A 131 -1.38 -8.08 -6.43
C GLY A 131 -2.58 -7.13 -6.37
N GLU A 132 -2.96 -6.71 -5.19
CA GLU A 132 -4.12 -5.78 -5.07
C GLU A 132 -3.63 -4.34 -5.15
N MET A 133 -4.31 -3.50 -5.89
CA MET A 133 -3.89 -2.08 -6.00
C MET A 133 -4.25 -1.34 -4.71
N VAL A 134 -3.47 -0.36 -4.35
CA VAL A 134 -3.77 0.39 -3.10
C VAL A 134 -3.52 1.88 -3.34
N ARG A 135 -3.75 2.70 -2.35
CA ARG A 135 -3.53 4.17 -2.52
C ARG A 135 -2.85 4.73 -1.28
N VAL A 136 -1.95 5.65 -1.46
CA VAL A 136 -1.23 6.25 -0.28
C VAL A 136 -1.76 7.66 -0.03
N ASN A 137 -2.08 7.96 1.20
CA ASN A 137 -2.61 9.32 1.52
C ASN A 137 -1.65 10.02 2.50
N ASP A 138 -0.48 9.47 2.69
CA ASP A 138 0.48 10.09 3.63
C ASP A 138 1.91 9.76 3.19
N GLY A 139 2.89 10.39 3.80
CA GLY A 139 4.31 10.11 3.41
C GLY A 139 4.55 10.61 1.98
N PRO A 140 5.82 10.64 1.57
CA PRO A 140 6.21 11.10 0.23
C PRO A 140 5.50 10.29 -0.87
N PHE A 141 4.99 9.13 -0.54
CA PHE A 141 4.29 8.31 -1.56
C PHE A 141 2.82 8.71 -1.62
N ALA A 142 2.45 9.76 -0.94
CA ALA A 142 1.02 10.20 -0.96
C ALA A 142 0.62 10.55 -2.40
N ASP A 143 -0.63 10.39 -2.73
CA ASP A 143 -1.08 10.72 -4.11
C ASP A 143 -0.37 9.82 -5.11
N PHE A 144 -0.24 8.55 -4.80
CA PHE A 144 0.45 7.62 -5.74
C PHE A 144 -0.19 6.23 -5.64
N ASN A 145 -0.45 5.61 -6.75
CA ASN A 145 -1.08 4.25 -6.72
C ASN A 145 0.02 3.19 -6.63
N GLY A 146 -0.21 2.15 -5.88
CA GLY A 146 0.83 1.08 -5.75
C GLY A 146 0.14 -0.27 -5.53
N VAL A 147 0.91 -1.32 -5.43
CA VAL A 147 0.29 -2.67 -5.21
C VAL A 147 0.82 -3.25 -3.90
N VAL A 148 0.10 -4.15 -3.30
CA VAL A 148 0.55 -4.76 -2.02
C VAL A 148 1.45 -5.96 -2.33
N GLU A 149 2.73 -5.81 -2.20
CA GLU A 149 3.65 -6.96 -2.48
C GLU A 149 3.44 -8.04 -1.41
N GLU A 150 3.24 -7.66 -0.19
CA GLU A 150 3.04 -8.66 0.89
C GLU A 150 2.22 -8.04 2.01
N VAL A 151 1.46 -8.84 2.72
CA VAL A 151 0.63 -8.29 3.84
C VAL A 151 1.00 -9.00 5.14
N ASP A 152 0.79 -8.36 6.26
CA ASP A 152 1.12 -9.00 7.56
C ASP A 152 -0.02 -8.77 8.55
N TYR A 153 -0.93 -9.71 8.65
CA TYR A 153 -2.06 -9.55 9.60
C TYR A 153 -1.54 -9.57 11.03
N GLU A 154 -0.63 -10.46 11.33
CA GLU A 154 -0.09 -10.53 12.71
C GLU A 154 0.63 -9.23 13.05
N LYS A 155 1.29 -8.64 12.09
CA LYS A 155 2.01 -7.36 12.36
C LYS A 155 1.12 -6.19 11.96
N SER A 156 -0.07 -6.45 11.49
CA SER A 156 -0.97 -5.34 11.08
C SER A 156 -0.20 -4.34 10.22
N ARG A 157 0.46 -4.81 9.20
CA ARG A 157 1.23 -3.90 8.32
C ARG A 157 1.08 -4.33 6.86
N LEU A 158 0.91 -3.40 5.96
CA LEU A 158 0.75 -3.76 4.52
C LEU A 158 2.02 -3.39 3.76
N LYS A 159 2.54 -4.29 2.97
CA LYS A 159 3.78 -3.98 2.19
C LYS A 159 3.39 -3.54 0.78
N VAL A 160 3.49 -2.27 0.50
CA VAL A 160 3.13 -1.78 -0.86
C VAL A 160 4.32 -1.05 -1.48
N SER A 161 4.49 -1.15 -2.77
CA SER A 161 5.63 -0.46 -3.43
C SER A 161 5.10 0.55 -4.45
N VAL A 162 5.66 1.72 -4.49
CA VAL A 162 5.17 2.75 -5.46
C VAL A 162 6.20 2.92 -6.58
N SER A 163 5.75 2.94 -7.81
CA SER A 163 6.70 3.11 -8.94
C SER A 163 6.93 4.60 -9.20
N ILE A 164 7.81 5.22 -8.46
CA ILE A 164 8.06 6.68 -8.66
C ILE A 164 9.39 6.87 -9.40
N PHE A 165 9.46 7.83 -10.28
CA PHE A 165 10.72 8.06 -11.02
C PHE A 165 11.09 6.81 -11.82
N GLY A 166 10.14 5.95 -12.06
CA GLY A 166 10.45 4.72 -12.83
C GLY A 166 11.18 3.73 -11.94
N ARG A 167 11.20 3.97 -10.66
CA ARG A 167 11.90 3.04 -9.72
C ARG A 167 10.91 2.52 -8.68
N ALA A 168 10.98 1.25 -8.35
CA ALA A 168 10.04 0.70 -7.35
C ALA A 168 10.45 1.18 -5.95
N THR A 169 9.49 1.49 -5.12
CA THR A 169 9.82 1.96 -3.74
C THR A 169 9.06 1.11 -2.72
N PRO A 170 9.51 -0.13 -2.51
CA PRO A 170 8.87 -1.06 -1.56
C PRO A 170 8.76 -0.44 -0.16
N VAL A 171 7.60 0.06 0.19
CA VAL A 171 7.44 0.66 1.53
C VAL A 171 6.24 0.03 2.24
N GLU A 172 6.24 0.01 3.55
CA GLU A 172 5.10 -0.60 4.29
C GLU A 172 4.18 0.51 4.82
N LEU A 173 2.90 0.35 4.66
CA LEU A 173 1.95 1.40 5.15
C LEU A 173 0.81 0.72 5.93
N ASP A 174 0.30 1.39 6.93
CA ASP A 174 -0.81 0.79 7.72
C ASP A 174 -2.09 0.76 6.87
N PHE A 175 -3.13 0.16 7.37
CA PHE A 175 -4.40 0.10 6.60
C PHE A 175 -4.96 1.51 6.42
N SER A 176 -4.96 2.29 7.45
CA SER A 176 -5.49 3.69 7.34
C SER A 176 -4.49 4.55 6.56
N GLN A 177 -3.23 4.23 6.65
CA GLN A 177 -2.21 5.03 5.91
C GLN A 177 -2.46 4.93 4.41
N VAL A 178 -3.07 3.87 3.98
CA VAL A 178 -3.34 3.70 2.52
C VAL A 178 -4.81 3.34 2.31
N GLU A 179 -5.31 3.53 1.13
CA GLU A 179 -6.74 3.20 0.86
C GLU A 179 -6.82 2.00 -0.10
N LYS A 180 -7.83 1.18 0.03
CA LYS A 180 -7.95 0.00 -0.87
C LYS A 180 -8.45 0.47 -2.24
N ALA A 181 -7.81 0.03 -3.29
CA ALA A 181 -8.26 0.44 -4.65
C ALA A 181 -9.01 -0.71 -5.31
N ARG A 123 -17.90 2.58 0.11
CA ARG A 123 -17.75 1.42 1.02
C ARG A 123 -16.47 0.64 0.66
N PRO A 124 -15.31 1.29 0.82
CA PRO A 124 -14.02 0.68 0.52
C PRO A 124 -13.81 -0.64 1.28
N LYS A 125 -13.13 -1.58 0.70
CA LYS A 125 -12.90 -2.87 1.39
C LYS A 125 -11.55 -2.85 2.10
N THR A 126 -11.45 -3.51 3.23
CA THR A 126 -10.15 -3.52 3.96
C THR A 126 -9.43 -4.85 3.72
N LEU A 127 -9.83 -5.57 2.72
CA LEU A 127 -9.17 -6.88 2.43
C LEU A 127 -8.08 -6.68 1.39
N PHE A 128 -6.86 -6.53 1.82
CA PHE A 128 -5.74 -6.33 0.85
C PHE A 128 -5.02 -7.67 0.61
N GLU A 129 -4.78 -8.01 -0.62
CA GLU A 129 -4.09 -9.29 -0.91
C GLU A 129 -3.16 -9.11 -2.11
N PRO A 130 -2.13 -9.96 -2.21
CA PRO A 130 -1.16 -9.90 -3.32
C PRO A 130 -1.86 -9.76 -4.67
N GLY A 131 -1.42 -8.85 -5.50
CA GLY A 131 -2.06 -8.67 -6.83
C GLY A 131 -3.14 -7.59 -6.74
N GLU A 132 -3.33 -7.02 -5.59
CA GLU A 132 -4.37 -5.96 -5.45
C GLU A 132 -3.70 -4.59 -5.41
N MET A 133 -4.29 -3.61 -6.04
CA MET A 133 -3.69 -2.25 -6.04
C MET A 133 -4.11 -1.51 -4.77
N VAL A 134 -3.31 -0.59 -4.32
CA VAL A 134 -3.68 0.17 -3.09
C VAL A 134 -3.36 1.66 -3.30
N ARG A 135 -3.63 2.47 -2.32
CA ARG A 135 -3.37 3.93 -2.47
C ARG A 135 -2.68 4.45 -1.20
N VAL A 136 -1.70 5.31 -1.34
CA VAL A 136 -1.01 5.85 -0.15
C VAL A 136 -1.41 7.30 0.06
N ASN A 137 -1.79 7.67 1.26
CA ASN A 137 -2.19 9.07 1.52
C ASN A 137 -1.31 9.66 2.64
N ASP A 138 -0.21 9.02 2.92
CA ASP A 138 0.70 9.54 3.99
C ASP A 138 2.15 9.49 3.51
N GLY A 139 3.01 10.24 4.12
CA GLY A 139 4.44 10.24 3.70
C GLY A 139 4.54 10.68 2.24
N PRO A 140 5.78 10.87 1.75
CA PRO A 140 6.03 11.29 0.36
C PRO A 140 5.32 10.38 -0.64
N PHE A 141 4.97 9.19 -0.25
CA PHE A 141 4.28 8.26 -1.17
C PHE A 141 2.79 8.61 -1.25
N ALA A 142 2.39 9.67 -0.59
CA ALA A 142 0.95 10.06 -0.61
C ALA A 142 0.55 10.44 -2.04
N ASP A 143 -0.69 10.26 -2.40
CA ASP A 143 -1.14 10.61 -3.77
C ASP A 143 -0.39 9.75 -4.78
N PHE A 144 -0.32 8.46 -4.55
CA PHE A 144 0.40 7.57 -5.51
C PHE A 144 -0.24 6.19 -5.51
N ASN A 145 -0.29 5.54 -6.64
CA ASN A 145 -0.91 4.19 -6.69
C ASN A 145 0.19 3.12 -6.63
N GLY A 146 -0.10 2.01 -5.99
CA GLY A 146 0.93 0.94 -5.90
C GLY A 146 0.23 -0.42 -5.73
N VAL A 147 0.98 -1.49 -5.73
CA VAL A 147 0.36 -2.83 -5.57
C VAL A 147 0.82 -3.45 -4.24
N VAL A 148 0.15 -4.49 -3.81
CA VAL A 148 0.56 -5.14 -2.52
C VAL A 148 1.35 -6.40 -2.81
N GLU A 149 2.54 -6.50 -2.30
CA GLU A 149 3.36 -7.72 -2.54
C GLU A 149 3.27 -8.66 -1.33
N GLU A 150 3.38 -8.12 -0.15
CA GLU A 150 3.30 -8.97 1.06
C GLU A 150 2.36 -8.32 2.08
N VAL A 151 1.79 -9.09 2.96
CA VAL A 151 0.85 -8.52 3.97
C VAL A 151 1.35 -8.87 5.38
N ASP A 152 1.06 -8.03 6.33
CA ASP A 152 1.50 -8.31 7.73
C ASP A 152 0.35 -8.03 8.69
N TYR A 153 -0.58 -8.96 8.81
CA TYR A 153 -1.73 -8.75 9.73
C TYR A 153 -1.22 -8.65 11.17
N GLU A 154 -0.22 -9.42 11.50
CA GLU A 154 0.32 -9.37 12.90
C GLU A 154 0.92 -7.99 13.16
N LYS A 155 1.61 -7.43 12.21
CA LYS A 155 2.22 -6.09 12.41
C LYS A 155 1.20 -5.00 12.03
N SER A 156 0.01 -5.39 11.69
CA SER A 156 -1.02 -4.38 11.30
C SER A 156 -0.45 -3.45 10.23
N ARG A 157 0.07 -4.00 9.17
CA ARG A 157 0.64 -3.15 8.09
C ARG A 157 0.66 -3.93 6.78
N LEU A 158 0.64 -3.25 5.66
CA LEU A 158 0.66 -3.96 4.35
C LEU A 158 1.90 -3.55 3.57
N LYS A 159 2.57 -4.50 2.95
CA LYS A 159 3.78 -4.16 2.16
C LYS A 159 3.37 -3.69 0.76
N VAL A 160 3.45 -2.41 0.51
CA VAL A 160 3.05 -1.90 -0.84
C VAL A 160 4.23 -1.14 -1.46
N SER A 161 4.37 -1.21 -2.75
CA SER A 161 5.50 -0.50 -3.42
C SER A 161 4.94 0.64 -4.28
N VAL A 162 5.59 1.76 -4.29
CA VAL A 162 5.10 2.91 -5.11
C VAL A 162 6.04 3.14 -6.30
N SER A 163 5.51 3.30 -7.48
CA SER A 163 6.38 3.53 -8.66
C SER A 163 6.73 5.01 -8.75
N ILE A 164 7.73 5.43 -8.02
CA ILE A 164 8.12 6.87 -8.06
C ILE A 164 9.44 7.02 -8.82
N PHE A 165 9.56 8.02 -9.64
CA PHE A 165 10.82 8.21 -10.41
C PHE A 165 11.00 7.06 -11.40
N GLY A 166 9.94 6.36 -11.70
CA GLY A 166 10.05 5.22 -12.65
C GLY A 166 10.74 4.04 -11.97
N ARG A 167 10.90 4.10 -10.68
CA ARG A 167 11.56 2.98 -9.96
C ARG A 167 10.62 2.45 -8.86
N ALA A 168 10.62 1.16 -8.65
CA ALA A 168 9.73 0.59 -7.60
C ALA A 168 10.29 0.93 -6.21
N THR A 169 9.44 1.31 -5.30
CA THR A 169 9.93 1.66 -3.93
C THR A 169 9.09 0.92 -2.89
N PRO A 170 9.32 -0.39 -2.76
CA PRO A 170 8.59 -1.23 -1.79
C PRO A 170 8.61 -0.63 -0.39
N VAL A 171 7.47 -0.19 0.10
CA VAL A 171 7.43 0.40 1.46
C VAL A 171 6.25 -0.20 2.24
N GLU A 172 6.35 -0.23 3.54
CA GLU A 172 5.24 -0.81 4.35
C GLU A 172 4.32 0.32 4.83
N LEU A 173 3.03 0.16 4.63
CA LEU A 173 2.08 1.22 5.07
C LEU A 173 0.98 0.60 5.93
N ASP A 174 0.49 1.32 6.91
CA ASP A 174 -0.58 0.77 7.78
C ASP A 174 -1.86 0.60 6.96
N PHE A 175 -2.85 -0.04 7.52
CA PHE A 175 -4.13 -0.23 6.78
C PHE A 175 -4.78 1.12 6.52
N SER A 176 -4.90 1.93 7.54
CA SER A 176 -5.53 3.28 7.35
C SER A 176 -4.54 4.21 6.64
N GLN A 177 -3.28 3.87 6.63
CA GLN A 177 -2.27 4.73 5.95
C GLN A 177 -2.46 4.62 4.44
N VAL A 178 -3.09 3.57 3.98
CA VAL A 178 -3.31 3.42 2.51
C VAL A 178 -4.77 3.10 2.25
N GLU A 179 -5.24 3.33 1.05
CA GLU A 179 -6.66 3.05 0.73
C GLU A 179 -6.74 1.93 -0.33
N LYS A 180 -7.79 1.17 -0.33
CA LYS A 180 -7.93 0.08 -1.33
C LYS A 180 -8.28 0.67 -2.69
N ALA A 181 -7.66 0.21 -3.74
CA ALA A 181 -7.95 0.74 -5.09
C ALA A 181 -9.40 0.41 -5.46
N ARG A 123 -19.11 -0.07 2.77
CA ARG A 123 -19.09 -0.67 1.40
C ARG A 123 -17.72 -1.31 1.15
N PRO A 124 -16.68 -0.46 0.99
CA PRO A 124 -15.32 -0.94 0.75
C PRO A 124 -14.85 -1.91 1.83
N LYS A 125 -14.08 -2.90 1.45
CA LYS A 125 -13.59 -3.89 2.46
C LYS A 125 -12.12 -3.61 2.77
N THR A 126 -11.66 -3.98 3.93
CA THR A 126 -10.23 -3.73 4.29
C THR A 126 -9.43 -5.02 4.09
N LEU A 127 -9.86 -5.87 3.17
CA LEU A 127 -9.12 -7.14 2.94
C LEU A 127 -8.09 -6.93 1.82
N PHE A 128 -6.88 -6.61 2.17
CA PHE A 128 -5.83 -6.41 1.13
C PHE A 128 -5.11 -7.71 0.85
N GLU A 129 -4.99 -8.09 -0.40
CA GLU A 129 -4.29 -9.36 -0.73
C GLU A 129 -3.14 -9.07 -1.69
N PRO A 130 -2.12 -9.94 -1.70
CA PRO A 130 -0.95 -9.79 -2.57
C PRO A 130 -1.35 -9.56 -4.03
N GLY A 131 -0.81 -8.54 -4.65
CA GLY A 131 -1.16 -8.27 -6.08
C GLY A 131 -2.36 -7.31 -6.14
N GLU A 132 -2.83 -6.86 -5.01
CA GLU A 132 -3.98 -5.92 -5.01
C GLU A 132 -3.48 -4.48 -5.12
N MET A 133 -4.17 -3.66 -5.86
CA MET A 133 -3.73 -2.25 -6.01
C MET A 133 -4.16 -1.44 -4.78
N VAL A 134 -3.30 -0.60 -4.28
CA VAL A 134 -3.65 0.22 -3.09
C VAL A 134 -3.35 1.70 -3.37
N ARG A 135 -3.63 2.56 -2.44
CA ARG A 135 -3.35 4.01 -2.65
C ARG A 135 -2.74 4.61 -1.38
N VAL A 136 -1.81 5.51 -1.53
CA VAL A 136 -1.17 6.13 -0.34
C VAL A 136 -1.59 7.59 -0.24
N ASN A 137 -1.98 8.03 0.93
CA ASN A 137 -2.41 9.45 1.09
C ASN A 137 -1.59 10.09 2.21
N ASP A 138 -0.46 9.52 2.54
CA ASP A 138 0.37 10.10 3.62
C ASP A 138 1.85 9.94 3.27
N GLY A 139 2.69 10.79 3.77
CA GLY A 139 4.15 10.69 3.46
C GLY A 139 4.38 11.06 1.99
N PRO A 140 5.65 11.18 1.59
CA PRO A 140 6.03 11.52 0.22
C PRO A 140 5.35 10.61 -0.81
N PHE A 141 4.85 9.49 -0.37
CA PHE A 141 4.17 8.55 -1.31
C PHE A 141 2.69 8.91 -1.42
N ALA A 142 2.31 10.05 -0.89
CA ALA A 142 0.88 10.46 -0.96
C ALA A 142 0.48 10.67 -2.43
N ASP A 143 -0.74 10.37 -2.77
CA ASP A 143 -1.19 10.56 -4.18
C ASP A 143 -0.39 9.65 -5.11
N PHE A 144 -0.23 8.40 -4.74
CA PHE A 144 0.55 7.46 -5.60
C PHE A 144 -0.10 6.07 -5.57
N ASN A 145 -0.15 5.40 -6.68
CA ASN A 145 -0.76 4.05 -6.72
C ASN A 145 0.33 2.98 -6.56
N GLY A 146 0.04 1.93 -5.85
CA GLY A 146 1.07 0.86 -5.66
C GLY A 146 0.37 -0.48 -5.45
N VAL A 147 1.13 -1.54 -5.40
CA VAL A 147 0.50 -2.89 -5.21
C VAL A 147 1.02 -3.50 -3.90
N VAL A 148 0.24 -4.36 -3.29
CA VAL A 148 0.69 -4.99 -2.02
C VAL A 148 1.48 -6.25 -2.32
N GLU A 149 2.77 -6.24 -2.10
CA GLU A 149 3.59 -7.45 -2.38
C GLU A 149 3.22 -8.56 -1.39
N GLU A 150 3.02 -8.20 -0.14
CA GLU A 150 2.65 -9.24 0.88
C GLU A 150 1.87 -8.58 2.01
N VAL A 151 1.10 -9.34 2.73
CA VAL A 151 0.31 -8.75 3.85
C VAL A 151 0.70 -9.43 5.16
N ASP A 152 0.72 -8.70 6.24
CA ASP A 152 1.10 -9.31 7.55
C ASP A 152 -0.03 -9.08 8.56
N TYR A 153 -0.91 -10.04 8.71
CA TYR A 153 -2.03 -9.88 9.68
C TYR A 153 -1.47 -9.83 11.10
N GLU A 154 -0.52 -10.66 11.41
CA GLU A 154 0.06 -10.65 12.78
C GLU A 154 0.66 -9.27 13.07
N LYS A 155 1.36 -8.70 12.13
CA LYS A 155 1.97 -7.36 12.35
C LYS A 155 0.95 -6.27 11.97
N SER A 156 -0.13 -6.65 11.36
CA SER A 156 -1.15 -5.64 10.97
C SER A 156 -0.50 -4.55 10.12
N ARG A 157 0.18 -4.94 9.07
CA ARG A 157 0.84 -3.93 8.19
C ARG A 157 0.66 -4.32 6.73
N LEU A 158 0.86 -3.41 5.83
CA LEU A 158 0.70 -3.73 4.38
C LEU A 158 2.00 -3.42 3.64
N LYS A 159 2.47 -4.34 2.85
CA LYS A 159 3.73 -4.10 2.09
C LYS A 159 3.40 -3.63 0.67
N VAL A 160 3.44 -2.35 0.44
CA VAL A 160 3.11 -1.83 -0.92
C VAL A 160 4.29 -1.01 -1.45
N SER A 161 4.52 -1.05 -2.73
CA SER A 161 5.66 -0.28 -3.31
C SER A 161 5.10 0.83 -4.20
N VAL A 162 5.78 1.95 -4.29
CA VAL A 162 5.29 3.06 -5.14
C VAL A 162 6.24 3.27 -6.31
N SER A 163 5.73 3.30 -7.51
CA SER A 163 6.61 3.51 -8.69
C SER A 163 6.91 5.00 -8.84
N ILE A 164 7.85 5.50 -8.10
CA ILE A 164 8.20 6.95 -8.20
C ILE A 164 9.42 7.12 -9.12
N PHE A 165 9.40 8.09 -9.98
CA PHE A 165 10.55 8.30 -10.90
C PHE A 165 10.68 7.09 -11.82
N GLY A 166 9.68 6.27 -11.88
CA GLY A 166 9.74 5.06 -12.77
C GLY A 166 10.45 3.92 -12.03
N ARG A 167 10.70 4.09 -10.75
CA ARG A 167 11.38 3.03 -9.97
C ARG A 167 10.45 2.52 -8.87
N ALA A 168 10.48 1.24 -8.60
CA ALA A 168 9.59 0.68 -7.54
C ALA A 168 10.23 0.92 -6.17
N THR A 169 9.46 1.37 -5.22
CA THR A 169 10.02 1.62 -3.86
C THR A 169 9.16 0.92 -2.81
N PRO A 170 9.32 -0.40 -2.68
CA PRO A 170 8.56 -1.20 -1.72
C PRO A 170 8.66 -0.64 -0.30
N VAL A 171 7.61 -0.05 0.19
CA VAL A 171 7.65 0.51 1.57
C VAL A 171 6.48 -0.03 2.39
N GLU A 172 6.59 -0.03 3.69
CA GLU A 172 5.48 -0.55 4.53
C GLU A 172 4.52 0.59 4.88
N LEU A 173 3.25 0.40 4.65
CA LEU A 173 2.26 1.48 4.96
C LEU A 173 1.22 0.93 5.94
N ASP A 174 0.58 1.80 6.69
CA ASP A 174 -0.44 1.33 7.66
C ASP A 174 -1.78 1.15 6.93
N PHE A 175 -2.73 0.52 7.58
CA PHE A 175 -4.05 0.30 6.94
C PHE A 175 -4.68 1.65 6.57
N SER A 176 -4.70 2.58 7.50
CA SER A 176 -5.30 3.91 7.22
C SER A 176 -4.32 4.76 6.41
N GLN A 177 -3.06 4.40 6.44
CA GLN A 177 -2.05 5.19 5.68
C GLN A 177 -2.30 5.02 4.17
N VAL A 178 -2.91 3.94 3.78
CA VAL A 178 -3.18 3.73 2.34
C VAL A 178 -4.67 3.42 2.13
N GLU A 179 -5.16 3.65 0.94
CA GLU A 179 -6.61 3.37 0.68
C GLU A 179 -6.73 2.18 -0.28
N LYS A 180 -7.81 1.46 -0.20
CA LYS A 180 -7.99 0.28 -1.10
C LYS A 180 -8.27 0.77 -2.53
N ALA A 181 -7.61 0.21 -3.50
CA ALA A 181 -7.83 0.64 -4.91
C ALA A 181 -9.24 0.22 -5.35
N ARG A 123 -15.71 3.73 3.75
CA ARG A 123 -15.84 3.60 2.28
C ARG A 123 -14.91 2.50 1.78
N PRO A 124 -13.60 2.79 1.75
CA PRO A 124 -12.58 1.83 1.29
C PRO A 124 -12.66 0.51 2.07
N LYS A 125 -12.35 -0.58 1.43
CA LYS A 125 -12.40 -1.89 2.13
C LYS A 125 -11.04 -2.20 2.75
N THR A 126 -11.02 -2.87 3.87
CA THR A 126 -9.72 -3.19 4.51
C THR A 126 -9.26 -4.59 4.07
N LEU A 127 -9.89 -5.13 3.05
CA LEU A 127 -9.48 -6.48 2.58
C LEU A 127 -8.42 -6.34 1.48
N PHE A 128 -7.18 -6.47 1.83
CA PHE A 128 -6.10 -6.34 0.81
C PHE A 128 -5.48 -7.72 0.56
N GLU A 129 -5.08 -7.98 -0.66
CA GLU A 129 -4.46 -9.30 -0.98
C GLU A 129 -3.37 -9.12 -2.04
N PRO A 130 -2.41 -10.05 -2.07
CA PRO A 130 -1.30 -10.00 -3.04
C PRO A 130 -1.79 -9.76 -4.46
N GLY A 131 -1.25 -8.79 -5.14
CA GLY A 131 -1.69 -8.51 -6.54
C GLY A 131 -2.72 -7.39 -6.52
N GLU A 132 -3.19 -7.01 -5.37
CA GLU A 132 -4.21 -5.92 -5.29
C GLU A 132 -3.50 -4.56 -5.24
N MET A 133 -4.02 -3.58 -5.93
CA MET A 133 -3.38 -2.24 -5.92
C MET A 133 -3.86 -1.45 -4.69
N VAL A 134 -3.05 -0.54 -4.21
CA VAL A 134 -3.46 0.26 -3.02
C VAL A 134 -3.16 1.73 -3.28
N ARG A 135 -3.48 2.59 -2.34
CA ARG A 135 -3.21 4.04 -2.54
C ARG A 135 -2.66 4.63 -1.24
N VAL A 136 -1.85 5.65 -1.33
CA VAL A 136 -1.29 6.27 -0.11
C VAL A 136 -1.94 7.64 0.11
N ASN A 137 -2.33 7.94 1.32
CA ASN A 137 -2.97 9.26 1.58
C ASN A 137 -2.11 10.05 2.58
N ASP A 138 -0.91 9.62 2.81
CA ASP A 138 -0.02 10.35 3.77
C ASP A 138 1.44 10.05 3.44
N GLY A 139 2.35 10.76 4.06
CA GLY A 139 3.80 10.51 3.79
C GLY A 139 4.13 10.96 2.37
N PRO A 140 5.43 11.08 2.06
CA PRO A 140 5.91 11.51 0.74
C PRO A 140 5.36 10.60 -0.37
N PHE A 141 4.90 9.42 -0.02
CA PHE A 141 4.35 8.49 -1.05
C PHE A 141 2.86 8.76 -1.24
N ALA A 142 2.35 9.80 -0.63
CA ALA A 142 0.91 10.10 -0.77
C ALA A 142 0.61 10.54 -2.21
N ASP A 143 -0.55 10.24 -2.71
CA ASP A 143 -0.90 10.63 -4.10
C ASP A 143 -0.20 9.69 -5.08
N PHE A 144 0.07 8.47 -4.67
CA PHE A 144 0.75 7.51 -5.58
C PHE A 144 0.05 6.14 -5.48
N ASN A 145 0.00 5.42 -6.56
CA ASN A 145 -0.66 4.08 -6.53
C ASN A 145 0.41 2.98 -6.51
N GLY A 146 0.14 1.89 -5.84
CA GLY A 146 1.15 0.80 -5.79
C GLY A 146 0.43 -0.55 -5.63
N VAL A 147 1.16 -1.60 -5.44
CA VAL A 147 0.52 -2.94 -5.29
C VAL A 147 0.95 -3.57 -3.96
N VAL A 148 0.17 -4.48 -3.44
CA VAL A 148 0.56 -5.13 -2.15
C VAL A 148 1.45 -6.33 -2.43
N GLU A 149 2.75 -6.14 -2.34
CA GLU A 149 3.68 -7.27 -2.60
C GLU A 149 3.55 -8.31 -1.48
N GLU A 150 3.31 -7.87 -0.29
CA GLU A 150 3.17 -8.83 0.85
C GLU A 150 2.24 -8.24 1.91
N VAL A 151 1.66 -9.07 2.75
CA VAL A 151 0.75 -8.54 3.79
C VAL A 151 1.17 -9.10 5.16
N ASP A 152 0.96 -8.35 6.21
CA ASP A 152 1.35 -8.84 7.56
C ASP A 152 0.21 -8.56 8.54
N TYR A 153 -0.72 -9.47 8.64
CA TYR A 153 -1.86 -9.27 9.59
C TYR A 153 -1.34 -9.32 11.02
N GLU A 154 -0.39 -10.17 11.29
CA GLU A 154 0.15 -10.26 12.67
C GLU A 154 0.82 -8.94 13.05
N LYS A 155 1.55 -8.36 12.15
CA LYS A 155 2.23 -7.06 12.45
C LYS A 155 1.34 -5.90 12.03
N SER A 156 0.11 -6.18 11.67
CA SER A 156 -0.82 -5.09 11.25
C SER A 156 -0.08 -4.13 10.32
N ARG A 157 0.53 -4.65 9.28
CA ARG A 157 1.25 -3.76 8.34
C ARG A 157 1.10 -4.29 6.91
N LEU A 158 0.93 -3.43 5.95
CA LEU A 158 0.77 -3.89 4.55
C LEU A 158 2.05 -3.56 3.76
N LYS A 159 2.54 -4.49 2.99
CA LYS A 159 3.77 -4.21 2.19
C LYS A 159 3.38 -3.71 0.81
N VAL A 160 3.36 -2.43 0.61
CA VAL A 160 2.98 -1.88 -0.72
C VAL A 160 4.17 -1.09 -1.30
N SER A 161 4.36 -1.16 -2.58
CA SER A 161 5.50 -0.42 -3.21
C SER A 161 4.95 0.74 -4.03
N VAL A 162 5.68 1.83 -4.11
CA VAL A 162 5.20 2.99 -4.89
C VAL A 162 5.65 2.86 -6.36
N SER A 163 4.77 3.10 -7.29
CA SER A 163 5.15 2.98 -8.72
C SER A 163 5.76 4.31 -9.18
N ILE A 164 7.02 4.52 -8.92
CA ILE A 164 7.67 5.79 -9.34
C ILE A 164 8.44 5.56 -10.65
N PHE A 165 8.38 6.49 -11.56
CA PHE A 165 9.10 6.33 -12.85
C PHE A 165 10.58 6.08 -12.58
N GLY A 166 11.15 6.76 -11.62
CA GLY A 166 12.59 6.56 -11.31
C GLY A 166 12.83 5.12 -10.85
N ARG A 167 11.86 4.52 -10.22
CA ARG A 167 12.03 3.11 -9.74
C ARG A 167 10.94 2.79 -8.72
N ALA A 168 10.59 1.54 -8.58
CA ALA A 168 9.53 1.17 -7.60
C ALA A 168 10.03 1.42 -6.18
N THR A 169 9.16 1.78 -5.29
CA THR A 169 9.60 2.05 -3.88
C THR A 169 8.79 1.17 -2.92
N PRO A 170 9.28 -0.04 -2.65
CA PRO A 170 8.60 -0.98 -1.75
C PRO A 170 8.63 -0.50 -0.29
N VAL A 171 7.51 -0.07 0.21
CA VAL A 171 7.48 0.42 1.62
C VAL A 171 6.28 -0.20 2.35
N GLU A 172 6.30 -0.20 3.65
CA GLU A 172 5.16 -0.79 4.41
C GLU A 172 4.29 0.32 4.99
N LEU A 173 3.02 0.28 4.75
CA LEU A 173 2.11 1.34 5.29
C LEU A 173 0.94 0.69 6.03
N ASP A 174 0.45 1.34 7.05
CA ASP A 174 -0.70 0.75 7.80
C ASP A 174 -1.95 0.76 6.92
N PHE A 175 -3.01 0.16 7.37
CA PHE A 175 -4.26 0.14 6.55
C PHE A 175 -4.79 1.57 6.38
N SER A 176 -4.76 2.35 7.43
CA SER A 176 -5.26 3.74 7.32
C SER A 176 -4.23 4.59 6.57
N GLN A 177 -2.99 4.22 6.60
CA GLN A 177 -1.94 5.00 5.88
C GLN A 177 -2.16 4.87 4.37
N VAL A 178 -2.83 3.83 3.94
CA VAL A 178 -3.07 3.66 2.49
C VAL A 178 -4.54 3.30 2.26
N GLU A 179 -5.05 3.55 1.08
CA GLU A 179 -6.47 3.22 0.80
C GLU A 179 -6.55 2.11 -0.26
N LYS A 180 -7.57 1.31 -0.22
CA LYS A 180 -7.70 0.22 -1.21
C LYS A 180 -7.91 0.82 -2.61
N ALA A 181 -7.30 0.25 -3.61
CA ALA A 181 -7.47 0.79 -4.98
C ALA A 181 -8.85 0.41 -5.52
N ARG A 123 -17.12 3.35 1.85
CA ARG A 123 -17.03 2.16 2.76
C ARG A 123 -15.84 1.30 2.34
N PRO A 124 -14.63 1.86 2.40
CA PRO A 124 -13.40 1.14 2.04
C PRO A 124 -13.23 -0.16 2.83
N LYS A 125 -12.72 -1.18 2.22
CA LYS A 125 -12.53 -2.47 2.94
C LYS A 125 -11.11 -2.55 3.50
N THR A 126 -10.93 -3.26 4.58
CA THR A 126 -9.57 -3.37 5.17
C THR A 126 -8.97 -4.73 4.84
N LEU A 127 -9.50 -5.41 3.85
CA LEU A 127 -8.96 -6.74 3.48
C LEU A 127 -7.98 -6.60 2.31
N PHE A 128 -6.72 -6.50 2.60
CA PHE A 128 -5.71 -6.35 1.51
C PHE A 128 -5.01 -7.69 1.28
N GLU A 129 -4.89 -8.11 0.05
CA GLU A 129 -4.21 -9.41 -0.23
C GLU A 129 -3.21 -9.22 -1.38
N PRO A 130 -2.16 -10.05 -1.41
CA PRO A 130 -1.13 -9.98 -2.45
C PRO A 130 -1.75 -9.85 -3.85
N GLY A 131 -1.26 -8.94 -4.65
CA GLY A 131 -1.81 -8.77 -6.02
C GLY A 131 -2.96 -7.76 -5.98
N GLU A 132 -3.28 -7.25 -4.82
CA GLU A 132 -4.40 -6.26 -4.73
C GLU A 132 -3.82 -4.85 -4.80
N MET A 133 -4.34 -4.02 -5.67
CA MET A 133 -3.82 -2.64 -5.78
C MET A 133 -4.19 -1.85 -4.52
N VAL A 134 -3.42 -0.84 -4.19
CA VAL A 134 -3.73 -0.04 -2.98
C VAL A 134 -3.53 1.44 -3.28
N ARG A 135 -3.79 2.29 -2.32
CA ARG A 135 -3.62 3.75 -2.56
C ARG A 135 -2.89 4.38 -1.37
N VAL A 136 -2.11 5.41 -1.62
CA VAL A 136 -1.37 6.06 -0.49
C VAL A 136 -1.83 7.51 -0.36
N ASN A 137 -2.25 7.92 0.81
CA ASN A 137 -2.70 9.33 0.99
C ASN A 137 -1.92 9.96 2.16
N ASP A 138 -0.87 9.33 2.59
CA ASP A 138 -0.07 9.89 3.72
C ASP A 138 1.42 9.73 3.42
N GLY A 139 2.25 10.46 4.12
CA GLY A 139 3.71 10.34 3.88
C GLY A 139 4.03 10.80 2.46
N PRO A 140 5.33 10.84 2.10
CA PRO A 140 5.77 11.26 0.77
C PRO A 140 5.16 10.40 -0.34
N PHE A 141 4.77 9.19 -0.02
CA PHE A 141 4.15 8.32 -1.05
C PHE A 141 2.67 8.66 -1.20
N ALA A 142 2.23 9.70 -0.57
CA ALA A 142 0.79 10.08 -0.66
C ALA A 142 0.44 10.39 -2.13
N ASP A 143 -0.78 10.17 -2.51
CA ASP A 143 -1.18 10.45 -3.93
C ASP A 143 -0.38 9.55 -4.86
N PHE A 144 -0.39 8.26 -4.63
CA PHE A 144 0.36 7.34 -5.52
C PHE A 144 -0.33 5.98 -5.55
N ASN A 145 -0.53 5.42 -6.71
CA ASN A 145 -1.20 4.09 -6.81
C ASN A 145 -0.14 2.99 -6.82
N GLY A 146 -0.39 1.92 -6.13
CA GLY A 146 0.61 0.81 -6.11
C GLY A 146 -0.09 -0.51 -5.74
N VAL A 147 0.65 -1.59 -5.67
CA VAL A 147 0.02 -2.89 -5.32
C VAL A 147 0.69 -3.45 -4.07
N VAL A 148 0.04 -4.35 -3.39
CA VAL A 148 0.65 -4.93 -2.16
C VAL A 148 1.24 -6.30 -2.47
N GLU A 149 2.53 -6.44 -2.36
CA GLU A 149 3.17 -7.76 -2.67
C GLU A 149 2.80 -8.76 -1.57
N GLU A 150 2.71 -8.31 -0.35
CA GLU A 150 2.35 -9.23 0.77
C GLU A 150 1.66 -8.44 1.88
N VAL A 151 0.97 -9.11 2.76
CA VAL A 151 0.28 -8.39 3.87
C VAL A 151 0.58 -9.09 5.20
N ASP A 152 0.56 -8.35 6.28
CA ASP A 152 0.84 -8.96 7.61
C ASP A 152 -0.30 -8.65 8.56
N TYR A 153 -1.21 -9.59 8.73
CA TYR A 153 -2.36 -9.35 9.65
C TYR A 153 -1.85 -9.23 11.09
N GLU A 154 -0.84 -9.99 11.44
CA GLU A 154 -0.30 -9.93 12.83
C GLU A 154 0.35 -8.56 13.06
N LYS A 155 1.13 -8.09 12.13
CA LYS A 155 1.79 -6.77 12.29
C LYS A 155 0.90 -5.67 11.69
N SER A 156 -0.15 -6.06 11.02
CA SER A 156 -1.05 -5.04 10.41
C SER A 156 -0.24 -4.11 9.51
N ARG A 157 0.51 -4.65 8.60
CA ARG A 157 1.32 -3.80 7.68
C ARG A 157 1.15 -4.28 6.24
N LEU A 158 1.26 -3.39 5.29
CA LEU A 158 1.10 -3.82 3.87
C LEU A 158 2.40 -3.56 3.11
N LYS A 159 2.80 -4.49 2.29
CA LYS A 159 4.07 -4.30 1.51
C LYS A 159 3.73 -3.83 0.10
N VAL A 160 3.66 -2.54 -0.11
CA VAL A 160 3.33 -2.02 -1.46
C VAL A 160 4.49 -1.17 -1.98
N SER A 161 4.77 -1.25 -3.26
CA SER A 161 5.89 -0.45 -3.83
C SER A 161 5.33 0.62 -4.76
N VAL A 162 5.83 1.83 -4.68
CA VAL A 162 5.32 2.91 -5.56
C VAL A 162 6.36 3.23 -6.63
N SER A 163 5.95 3.32 -7.87
CA SER A 163 6.92 3.62 -8.95
C SER A 163 7.22 5.12 -8.97
N ILE A 164 8.12 5.56 -8.12
CA ILE A 164 8.46 7.01 -8.08
C ILE A 164 9.81 7.23 -8.74
N PHE A 165 9.97 8.31 -9.47
CA PHE A 165 11.27 8.58 -10.13
C PHE A 165 11.53 7.49 -11.19
N GLY A 166 10.54 6.75 -11.56
CA GLY A 166 10.73 5.68 -12.58
C GLY A 166 11.34 4.45 -11.90
N ARG A 167 11.43 4.45 -10.59
CA ARG A 167 12.01 3.28 -9.88
C ARG A 167 11.02 2.79 -8.82
N ALA A 168 10.88 1.50 -8.68
CA ALA A 168 9.92 0.96 -7.67
C ALA A 168 10.45 1.26 -6.27
N THR A 169 9.58 1.62 -5.36
CA THR A 169 10.03 1.92 -3.97
C THR A 169 9.19 1.10 -2.98
N PRO A 170 9.47 -0.20 -2.89
CA PRO A 170 8.74 -1.10 -1.98
C PRO A 170 8.78 -0.59 -0.54
N VAL A 171 7.69 -0.06 -0.06
CA VAL A 171 7.66 0.46 1.34
C VAL A 171 6.46 -0.14 2.08
N GLU A 172 6.49 -0.14 3.38
CA GLU A 172 5.36 -0.71 4.15
C GLU A 172 4.50 0.43 4.72
N LEU A 173 3.21 0.36 4.53
CA LEU A 173 2.32 1.44 5.05
C LEU A 173 1.24 0.82 5.94
N ASP A 174 0.63 1.63 6.78
CA ASP A 174 -0.43 1.09 7.68
C ASP A 174 -1.77 1.03 6.92
N PHE A 175 -2.79 0.52 7.56
CA PHE A 175 -4.11 0.42 6.87
C PHE A 175 -4.65 1.83 6.62
N SER A 176 -4.48 2.73 7.54
CA SER A 176 -4.97 4.12 7.35
C SER A 176 -4.01 4.90 6.47
N GLN A 177 -2.76 4.52 6.47
CA GLN A 177 -1.76 5.26 5.63
C GLN A 177 -2.08 5.02 4.15
N VAL A 178 -2.63 3.89 3.82
CA VAL A 178 -2.95 3.60 2.39
C VAL A 178 -4.44 3.24 2.28
N GLU A 179 -5.00 3.38 1.11
CA GLU A 179 -6.44 3.03 0.93
C GLU A 179 -6.58 1.94 -0.13
N LYS A 180 -7.50 1.04 0.06
CA LYS A 180 -7.68 -0.06 -0.93
C LYS A 180 -8.02 0.55 -2.30
N ALA A 181 -7.48 0.00 -3.35
CA ALA A 181 -7.78 0.55 -4.71
C ALA A 181 -9.29 0.58 -4.93
N ARG A 123 -16.67 3.15 -0.35
CA ARG A 123 -16.24 2.57 0.95
C ARG A 123 -15.19 1.48 0.71
N PRO A 124 -13.91 1.83 0.84
CA PRO A 124 -12.80 0.89 0.64
C PRO A 124 -12.95 -0.36 1.51
N LYS A 125 -12.53 -1.50 1.02
CA LYS A 125 -12.64 -2.74 1.83
C LYS A 125 -11.33 -3.00 2.57
N THR A 126 -11.39 -3.63 3.70
CA THR A 126 -10.14 -3.90 4.48
C THR A 126 -9.56 -5.24 4.04
N LEU A 127 -10.08 -5.83 2.99
CA LEU A 127 -9.56 -7.13 2.53
C LEU A 127 -8.46 -6.89 1.48
N PHE A 128 -7.23 -6.95 1.89
CA PHE A 128 -6.11 -6.73 0.92
C PHE A 128 -5.48 -8.07 0.55
N GLU A 129 -5.20 -8.27 -0.71
CA GLU A 129 -4.60 -9.57 -1.14
C GLU A 129 -3.41 -9.29 -2.07
N PRO A 130 -2.29 -9.99 -1.85
CA PRO A 130 -1.08 -9.81 -2.67
C PRO A 130 -1.43 -9.54 -4.14
N GLY A 131 -0.83 -8.54 -4.72
CA GLY A 131 -1.12 -8.22 -6.14
C GLY A 131 -2.27 -7.22 -6.22
N GLU A 132 -2.85 -6.88 -5.10
CA GLU A 132 -3.98 -5.90 -5.11
C GLU A 132 -3.42 -4.48 -5.12
N MET A 133 -4.04 -3.59 -5.84
CA MET A 133 -3.55 -2.19 -5.89
C MET A 133 -4.04 -1.43 -4.65
N VAL A 134 -3.29 -0.47 -4.20
CA VAL A 134 -3.72 0.30 -2.99
C VAL A 134 -3.50 1.79 -3.24
N ARG A 135 -3.83 2.62 -2.29
CA ARG A 135 -3.64 4.09 -2.48
C ARG A 135 -2.97 4.68 -1.23
N VAL A 136 -2.15 5.68 -1.41
CA VAL A 136 -1.46 6.29 -0.23
C VAL A 136 -1.99 7.72 -0.03
N ASN A 137 -2.37 8.05 1.18
CA ASN A 137 -2.89 9.42 1.43
C ASN A 137 -2.06 10.08 2.54
N ASP A 138 -0.89 9.58 2.78
CA ASP A 138 -0.03 10.18 3.85
C ASP A 138 1.43 9.85 3.57
N GLY A 139 2.34 10.70 3.99
CA GLY A 139 3.78 10.43 3.74
C GLY A 139 4.15 10.89 2.33
N PRO A 140 5.46 11.03 2.06
CA PRO A 140 5.95 11.45 0.74
C PRO A 140 5.41 10.57 -0.37
N PHE A 141 5.03 9.36 -0.06
CA PHE A 141 4.49 8.45 -1.11
C PHE A 141 2.99 8.67 -1.27
N ALA A 142 2.48 9.72 -0.69
CA ALA A 142 1.02 10.00 -0.79
C ALA A 142 0.69 10.44 -2.23
N ASP A 143 -0.50 10.18 -2.68
CA ASP A 143 -0.88 10.58 -4.06
C ASP A 143 -0.21 9.64 -5.07
N PHE A 144 0.03 8.42 -4.68
CA PHE A 144 0.67 7.45 -5.60
C PHE A 144 -0.05 6.10 -5.54
N ASN A 145 -0.23 5.46 -6.66
CA ASN A 145 -0.93 4.14 -6.65
C ASN A 145 0.10 3.02 -6.61
N GLY A 146 -0.17 1.98 -5.87
CA GLY A 146 0.80 0.85 -5.81
C GLY A 146 0.05 -0.46 -5.53
N VAL A 147 0.77 -1.52 -5.31
CA VAL A 147 0.09 -2.82 -5.03
C VAL A 147 0.73 -3.48 -3.80
N VAL A 148 -0.06 -4.14 -3.00
CA VAL A 148 0.50 -4.81 -1.78
C VAL A 148 1.10 -6.16 -2.16
N GLU A 149 2.40 -6.25 -2.20
CA GLU A 149 3.05 -7.55 -2.56
C GLU A 149 2.83 -8.55 -1.43
N GLU A 150 3.06 -8.15 -0.22
CA GLU A 150 2.87 -9.09 0.93
C GLU A 150 2.05 -8.40 2.02
N VAL A 151 1.34 -9.16 2.81
CA VAL A 151 0.52 -8.53 3.89
C VAL A 151 0.98 -9.07 5.25
N ASP A 152 0.78 -8.30 6.29
CA ASP A 152 1.20 -8.76 7.65
C ASP A 152 0.09 -8.46 8.66
N TYR A 153 -0.89 -9.32 8.75
CA TYR A 153 -2.00 -9.08 9.71
C TYR A 153 -1.46 -9.18 11.14
N GLU A 154 -0.53 -10.05 11.38
CA GLU A 154 0.04 -10.19 12.75
C GLU A 154 0.69 -8.88 13.18
N LYS A 155 1.39 -8.24 12.29
CA LYS A 155 2.05 -6.95 12.65
C LYS A 155 1.18 -5.78 12.20
N SER A 156 0.09 -6.06 11.53
CA SER A 156 -0.80 -4.95 11.08
C SER A 156 -0.02 -4.02 10.14
N ARG A 157 0.60 -4.56 9.13
CA ARG A 157 1.37 -3.70 8.19
C ARG A 157 1.21 -4.22 6.77
N LEU A 158 1.05 -3.34 5.82
CA LEU A 158 0.88 -3.80 4.40
C LEU A 158 2.14 -3.47 3.61
N LYS A 159 2.62 -4.40 2.82
CA LYS A 159 3.85 -4.16 2.03
C LYS A 159 3.45 -3.74 0.61
N VAL A 160 3.42 -2.47 0.33
CA VAL A 160 3.04 -2.01 -1.03
C VAL A 160 4.16 -1.14 -1.61
N SER A 161 4.46 -1.31 -2.87
CA SER A 161 5.54 -0.49 -3.49
C SER A 161 4.93 0.64 -4.31
N VAL A 162 5.65 1.71 -4.51
CA VAL A 162 5.09 2.85 -5.29
C VAL A 162 5.75 2.88 -6.67
N SER A 163 4.97 2.94 -7.72
CA SER A 163 5.56 2.98 -9.08
C SER A 163 6.12 4.38 -9.36
N ILE A 164 7.31 4.65 -8.89
CA ILE A 164 7.91 6.00 -9.12
C ILE A 164 8.74 5.97 -10.40
N PHE A 165 8.79 7.06 -11.11
CA PHE A 165 9.58 7.09 -12.38
C PHE A 165 11.03 6.67 -12.09
N GLY A 166 11.62 7.22 -11.08
CA GLY A 166 13.03 6.86 -10.75
C GLY A 166 13.14 5.34 -10.59
N ARG A 167 12.12 4.70 -10.08
CA ARG A 167 12.17 3.23 -9.90
C ARG A 167 11.11 2.80 -8.88
N ALA A 168 10.83 1.53 -8.80
CA ALA A 168 9.80 1.06 -7.82
C ALA A 168 10.33 1.23 -6.40
N THR A 169 9.50 1.67 -5.50
CA THR A 169 9.95 1.87 -4.10
C THR A 169 9.08 1.05 -3.15
N PRO A 170 9.45 -0.22 -2.92
CA PRO A 170 8.70 -1.12 -2.04
C PRO A 170 8.69 -0.62 -0.60
N VAL A 171 7.57 -0.12 -0.14
CA VAL A 171 7.49 0.39 1.26
C VAL A 171 6.29 -0.23 1.97
N GLU A 172 6.31 -0.27 3.27
CA GLU A 172 5.17 -0.85 4.02
C GLU A 172 4.33 0.28 4.63
N LEU A 173 3.05 0.27 4.42
CA LEU A 173 2.19 1.34 4.99
C LEU A 173 1.06 0.71 5.80
N ASP A 174 0.61 1.37 6.84
CA ASP A 174 -0.48 0.81 7.68
C ASP A 174 -1.79 0.81 6.86
N PHE A 175 -2.83 0.23 7.40
CA PHE A 175 -4.12 0.20 6.65
C PHE A 175 -4.67 1.62 6.53
N SER A 176 -4.55 2.41 7.57
CA SER A 176 -5.07 3.80 7.52
C SER A 176 -4.11 4.66 6.68
N GLN A 177 -2.88 4.28 6.59
CA GLN A 177 -1.90 5.07 5.79
C GLN A 177 -2.23 4.93 4.30
N VAL A 178 -2.80 3.83 3.91
CA VAL A 178 -3.14 3.63 2.48
C VAL A 178 -4.62 3.24 2.35
N GLU A 179 -5.19 3.39 1.19
CA GLU A 179 -6.61 3.02 1.01
C GLU A 179 -6.73 1.94 -0.07
N LYS A 180 -7.70 1.07 0.05
CA LYS A 180 -7.87 0.00 -0.97
C LYS A 180 -8.07 0.62 -2.35
N ALA A 181 -7.49 0.05 -3.36
CA ALA A 181 -7.64 0.61 -4.73
C ALA A 181 -9.10 0.49 -5.17
N ARG A 123 -19.23 0.52 0.77
CA ARG A 123 -18.95 -0.93 0.89
C ARG A 123 -17.43 -1.15 0.90
N PRO A 124 -16.71 -0.36 1.70
CA PRO A 124 -15.24 -0.47 1.81
C PRO A 124 -14.80 -1.88 2.19
N LYS A 125 -13.71 -2.34 1.65
CA LYS A 125 -13.23 -3.71 1.98
C LYS A 125 -11.86 -3.61 2.67
N THR A 126 -11.61 -4.46 3.62
CA THR A 126 -10.30 -4.42 4.33
C THR A 126 -9.51 -5.68 4.01
N LEU A 127 -9.83 -6.34 2.93
CA LEU A 127 -9.09 -7.59 2.57
C LEU A 127 -8.03 -7.27 1.53
N PHE A 128 -6.81 -7.04 1.96
CA PHE A 128 -5.73 -6.72 0.99
C PHE A 128 -4.94 -8.00 0.68
N GLU A 129 -4.71 -8.27 -0.58
CA GLU A 129 -3.95 -9.50 -0.95
C GLU A 129 -3.04 -9.20 -2.14
N PRO A 130 -1.87 -9.85 -2.21
CA PRO A 130 -0.92 -9.65 -3.30
C PRO A 130 -1.61 -9.55 -4.66
N GLY A 131 -1.33 -8.52 -5.41
CA GLY A 131 -1.97 -8.36 -6.74
C GLY A 131 -3.11 -7.35 -6.64
N GLU A 132 -3.39 -6.87 -5.46
CA GLU A 132 -4.49 -5.88 -5.28
C GLU A 132 -3.92 -4.46 -5.38
N MET A 133 -4.65 -3.55 -5.95
CA MET A 133 -4.15 -2.15 -6.07
C MET A 133 -4.43 -1.40 -4.76
N VAL A 134 -3.53 -0.54 -4.36
CA VAL A 134 -3.75 0.22 -3.10
C VAL A 134 -3.55 1.71 -3.36
N ARG A 135 -3.73 2.53 -2.37
CA ARG A 135 -3.55 4.00 -2.57
C ARG A 135 -2.89 4.60 -1.32
N VAL A 136 -2.06 5.60 -1.50
CA VAL A 136 -1.39 6.24 -0.34
C VAL A 136 -1.90 7.66 -0.16
N ASN A 137 -2.21 8.04 1.05
CA ASN A 137 -2.72 9.42 1.30
C ASN A 137 -1.88 10.09 2.37
N ASP A 138 -0.77 9.51 2.73
CA ASP A 138 0.10 10.11 3.77
C ASP A 138 1.56 9.71 3.52
N GLY A 139 2.48 10.46 4.05
CA GLY A 139 3.92 10.11 3.84
C GLY A 139 4.35 10.55 2.43
N PRO A 140 5.67 10.60 2.19
CA PRO A 140 6.22 11.00 0.89
C PRO A 140 5.56 10.23 -0.26
N PHE A 141 5.00 9.08 0.02
CA PHE A 141 4.35 8.28 -1.05
C PHE A 141 2.89 8.71 -1.19
N ALA A 142 2.52 9.81 -0.58
CA ALA A 142 1.11 10.27 -0.67
C ALA A 142 0.76 10.60 -2.13
N ASP A 143 -0.46 10.41 -2.52
CA ASP A 143 -0.86 10.71 -3.93
C ASP A 143 -0.11 9.77 -4.86
N PHE A 144 -0.05 8.52 -4.55
CA PHE A 144 0.66 7.55 -5.43
C PHE A 144 -0.03 6.19 -5.37
N ASN A 145 -0.40 5.65 -6.51
CA ASN A 145 -1.08 4.33 -6.52
C ASN A 145 -0.03 3.21 -6.58
N GLY A 146 -0.29 2.11 -5.94
CA GLY A 146 0.68 0.98 -5.96
C GLY A 146 -0.05 -0.33 -5.66
N VAL A 147 0.66 -1.44 -5.70
CA VAL A 147 0.00 -2.75 -5.41
C VAL A 147 0.59 -3.33 -4.13
N VAL A 148 -0.14 -4.20 -3.47
CA VAL A 148 0.38 -4.81 -2.22
C VAL A 148 1.30 -5.98 -2.56
N GLU A 149 2.59 -5.78 -2.44
CA GLU A 149 3.54 -6.88 -2.75
C GLU A 149 3.42 -7.98 -1.69
N GLU A 150 3.20 -7.59 -0.47
CA GLU A 150 3.07 -8.61 0.62
C GLU A 150 2.17 -8.06 1.73
N VAL A 151 1.71 -8.90 2.61
CA VAL A 151 0.84 -8.42 3.71
C VAL A 151 1.38 -8.93 5.05
N ASP A 152 1.28 -8.14 6.08
CA ASP A 152 1.80 -8.57 7.41
C ASP A 152 0.68 -8.46 8.45
N TYR A 153 -0.22 -9.41 8.47
CA TYR A 153 -1.32 -9.36 9.46
C TYR A 153 -0.74 -9.37 10.88
N GLU A 154 0.25 -10.18 11.11
CA GLU A 154 0.86 -10.24 12.47
C GLU A 154 1.30 -8.84 12.89
N LYS A 155 1.94 -8.11 12.00
CA LYS A 155 2.39 -6.74 12.34
C LYS A 155 1.25 -5.75 12.09
N SER A 156 0.15 -6.22 11.57
CA SER A 156 -1.00 -5.30 11.29
C SER A 156 -0.52 -4.16 10.38
N ARG A 157 0.08 -4.49 9.27
CA ARG A 157 0.57 -3.43 8.34
C ARG A 157 0.47 -3.92 6.90
N LEU A 158 0.51 -3.03 5.95
CA LEU A 158 0.43 -3.45 4.52
C LEU A 158 1.75 -3.15 3.82
N LYS A 159 2.21 -4.04 2.98
CA LYS A 159 3.49 -3.81 2.27
C LYS A 159 3.20 -3.42 0.82
N VAL A 160 3.26 -2.14 0.51
CA VAL A 160 2.99 -1.70 -0.89
C VAL A 160 4.22 -0.99 -1.44
N SER A 161 4.44 -1.08 -2.72
CA SER A 161 5.62 -0.42 -3.33
C SER A 161 5.14 0.62 -4.34
N VAL A 162 5.77 1.78 -4.37
CA VAL A 162 5.34 2.83 -5.33
C VAL A 162 6.39 2.96 -6.45
N SER A 163 5.95 3.00 -7.67
CA SER A 163 6.92 3.12 -8.81
C SER A 163 7.30 4.59 -8.99
N ILE A 164 8.21 5.09 -8.21
CA ILE A 164 8.61 6.51 -8.34
C ILE A 164 9.88 6.61 -9.21
N PHE A 165 9.91 7.52 -10.13
CA PHE A 165 11.11 7.67 -10.99
C PHE A 165 11.31 6.39 -11.80
N GLY A 166 10.25 5.66 -12.07
CA GLY A 166 10.38 4.41 -12.85
C GLY A 166 11.09 3.35 -11.98
N ARG A 167 11.21 3.60 -10.70
CA ARG A 167 11.89 2.62 -9.81
C ARG A 167 10.91 2.15 -8.73
N ALA A 168 10.94 0.89 -8.40
CA ALA A 168 10.01 0.38 -7.36
C ALA A 168 10.55 0.73 -5.96
N THR A 169 9.71 1.21 -5.10
CA THR A 169 10.17 1.57 -3.73
C THR A 169 9.26 0.91 -2.69
N PRO A 170 9.40 -0.42 -2.52
CA PRO A 170 8.59 -1.18 -1.56
C PRO A 170 8.63 -0.56 -0.16
N VAL A 171 7.56 0.03 0.27
CA VAL A 171 7.54 0.65 1.63
C VAL A 171 6.35 0.09 2.42
N GLU A 172 6.44 0.11 3.72
CA GLU A 172 5.31 -0.41 4.54
C GLU A 172 4.34 0.72 4.88
N LEU A 173 3.08 0.51 4.65
CA LEU A 173 2.08 1.57 4.94
C LEU A 173 1.04 1.05 5.93
N ASP A 174 0.42 1.92 6.69
CA ASP A 174 -0.60 1.46 7.68
C ASP A 174 -1.95 1.28 6.98
N PHE A 175 -2.79 0.44 7.51
CA PHE A 175 -4.13 0.22 6.89
C PHE A 175 -4.80 1.57 6.64
N SER A 176 -4.86 2.41 7.64
CA SER A 176 -5.52 3.74 7.45
C SER A 176 -4.60 4.66 6.63
N GLN A 177 -3.34 4.34 6.55
CA GLN A 177 -2.40 5.19 5.77
C GLN A 177 -2.66 5.01 4.28
N VAL A 178 -3.20 3.87 3.90
CA VAL A 178 -3.48 3.63 2.46
C VAL A 178 -4.95 3.27 2.28
N GLU A 179 -5.45 3.37 1.08
CA GLU A 179 -6.89 3.03 0.84
C GLU A 179 -6.98 1.86 -0.16
N LYS A 180 -7.98 1.05 -0.03
CA LYS A 180 -8.13 -0.11 -0.97
C LYS A 180 -8.72 0.38 -2.29
N ALA A 181 -8.15 -0.01 -3.38
CA ALA A 181 -8.69 0.42 -4.71
C ALA A 181 -10.05 -0.23 -4.95
N ARG A 123 -20.99 -2.56 1.57
CA ARG A 123 -19.98 -2.30 2.62
C ARG A 123 -18.58 -2.57 2.07
N PRO A 124 -17.71 -1.54 2.09
CA PRO A 124 -16.33 -1.66 1.59
C PRO A 124 -15.59 -2.83 2.24
N LYS A 125 -14.70 -3.46 1.53
CA LYS A 125 -13.93 -4.59 2.11
C LYS A 125 -12.53 -4.13 2.51
N THR A 126 -12.03 -4.59 3.62
CA THR A 126 -10.68 -4.16 4.06
C THR A 126 -9.73 -5.37 4.03
N LEU A 127 -10.01 -6.32 3.19
CA LEU A 127 -9.12 -7.52 3.10
C LEU A 127 -8.10 -7.32 1.98
N PHE A 128 -6.96 -6.79 2.29
CA PHE A 128 -5.93 -6.58 1.23
C PHE A 128 -5.22 -7.90 0.95
N GLU A 129 -5.08 -8.25 -0.30
CA GLU A 129 -4.39 -9.53 -0.65
C GLU A 129 -3.33 -9.26 -1.71
N PRO A 130 -2.25 -10.06 -1.70
CA PRO A 130 -1.15 -9.93 -2.65
C PRO A 130 -1.65 -9.78 -4.09
N GLY A 131 -1.28 -8.72 -4.75
CA GLY A 131 -1.73 -8.52 -6.16
C GLY A 131 -2.92 -7.55 -6.18
N GLU A 132 -3.30 -7.04 -5.04
CA GLU A 132 -4.44 -6.08 -5.00
C GLU A 132 -3.93 -4.65 -5.13
N MET A 133 -4.63 -3.81 -5.85
CA MET A 133 -4.17 -2.41 -6.00
C MET A 133 -4.42 -1.64 -4.71
N VAL A 134 -3.53 -0.76 -4.34
CA VAL A 134 -3.73 0.01 -3.08
C VAL A 134 -3.51 1.50 -3.37
N ARG A 135 -3.67 2.34 -2.38
CA ARG A 135 -3.47 3.80 -2.60
C ARG A 135 -2.80 4.42 -1.37
N VAL A 136 -1.82 5.25 -1.58
CA VAL A 136 -1.13 5.88 -0.42
C VAL A 136 -1.56 7.35 -0.30
N ASN A 137 -1.88 7.78 0.88
CA ASN A 137 -2.30 9.20 1.06
C ASN A 137 -1.55 9.81 2.25
N ASP A 138 -0.42 9.26 2.59
CA ASP A 138 0.36 9.81 3.73
C ASP A 138 1.85 9.70 3.42
N GLY A 139 2.66 10.51 4.05
CA GLY A 139 4.13 10.46 3.79
C GLY A 139 4.40 10.80 2.33
N PRO A 140 5.68 11.06 1.99
CA PRO A 140 6.08 11.39 0.63
C PRO A 140 5.41 10.49 -0.41
N PHE A 141 5.03 9.31 -0.01
CA PHE A 141 4.36 8.38 -0.97
C PHE A 141 2.86 8.67 -1.01
N ALA A 142 2.45 9.79 -0.49
CA ALA A 142 0.99 10.13 -0.49
C ALA A 142 0.56 10.53 -1.91
N ASP A 143 -0.64 10.18 -2.28
CA ASP A 143 -1.12 10.54 -3.64
C ASP A 143 -0.39 9.68 -4.69
N PHE A 144 -0.26 8.41 -4.43
CA PHE A 144 0.44 7.52 -5.39
C PHE A 144 -0.26 6.16 -5.44
N ASN A 145 -0.40 5.58 -6.59
CA ASN A 145 -1.07 4.26 -6.70
C ASN A 145 -0.02 3.15 -6.66
N GLY A 146 -0.30 2.09 -5.96
CA GLY A 146 0.69 0.96 -5.88
C GLY A 146 -0.06 -0.35 -5.64
N VAL A 147 0.66 -1.43 -5.54
CA VAL A 147 0.00 -2.75 -5.30
C VAL A 147 0.60 -3.39 -4.04
N VAL A 148 -0.16 -4.20 -3.35
CA VAL A 148 0.37 -4.85 -2.12
C VAL A 148 1.07 -6.16 -2.50
N GLU A 149 2.35 -6.13 -2.69
CA GLU A 149 3.08 -7.37 -3.05
C GLU A 149 3.00 -8.38 -1.89
N GLU A 150 3.04 -7.90 -0.68
CA GLU A 150 2.96 -8.81 0.49
C GLU A 150 2.14 -8.16 1.60
N VAL A 151 1.64 -8.93 2.52
CA VAL A 151 0.83 -8.36 3.62
C VAL A 151 1.32 -8.91 4.96
N ASP A 152 1.21 -8.13 6.00
CA ASP A 152 1.67 -8.60 7.34
C ASP A 152 0.58 -8.35 8.37
N TYR A 153 -0.24 -9.34 8.63
CA TYR A 153 -1.33 -9.15 9.64
C TYR A 153 -0.71 -8.98 11.03
N GLU A 154 0.40 -9.63 11.28
CA GLU A 154 1.04 -9.50 12.62
C GLU A 154 1.45 -8.05 12.86
N LYS A 155 1.99 -7.40 11.87
CA LYS A 155 2.39 -5.98 12.04
C LYS A 155 1.23 -5.06 11.65
N SER A 156 0.16 -5.61 11.14
CA SER A 156 -1.01 -4.77 10.77
C SER A 156 -0.56 -3.72 9.75
N ARG A 157 0.07 -4.13 8.69
CA ARG A 157 0.54 -3.15 7.66
C ARG A 157 0.48 -3.79 6.28
N LEU A 158 0.57 -3.00 5.24
CA LEU A 158 0.52 -3.57 3.87
C LEU A 158 1.85 -3.32 3.16
N LYS A 159 2.39 -4.33 2.51
CA LYS A 159 3.69 -4.14 1.81
C LYS A 159 3.42 -3.72 0.36
N VAL A 160 3.24 -2.45 0.12
CA VAL A 160 2.96 -1.98 -1.27
C VAL A 160 4.17 -1.20 -1.80
N SER A 161 4.46 -1.32 -3.06
CA SER A 161 5.63 -0.60 -3.63
C SER A 161 5.13 0.55 -4.51
N VAL A 162 5.77 1.68 -4.46
CA VAL A 162 5.32 2.83 -5.30
C VAL A 162 6.35 3.09 -6.40
N SER A 163 5.90 3.24 -7.62
CA SER A 163 6.84 3.51 -8.74
C SER A 163 7.25 4.97 -8.73
N ILE A 164 8.21 5.32 -7.90
CA ILE A 164 8.65 6.75 -7.84
C ILE A 164 10.08 6.85 -8.38
N PHE A 165 10.41 7.95 -9.00
CA PHE A 165 11.78 8.11 -9.55
C PHE A 165 11.99 7.15 -10.72
N GLY A 166 10.93 6.57 -11.22
CA GLY A 166 11.07 5.63 -12.36
C GLY A 166 11.51 4.26 -11.83
N ARG A 167 11.26 3.99 -10.58
CA ARG A 167 11.67 2.67 -10.00
C ARG A 167 10.67 2.26 -8.92
N ALA A 168 10.57 0.99 -8.65
CA ALA A 168 9.61 0.54 -7.60
C ALA A 168 10.19 0.83 -6.22
N THR A 169 9.36 1.21 -5.28
CA THR A 169 9.87 1.51 -3.91
C THR A 169 9.03 0.76 -2.88
N PRO A 170 9.18 -0.57 -2.83
CA PRO A 170 8.44 -1.42 -1.88
C PRO A 170 8.47 -0.85 -0.46
N VAL A 171 7.36 -0.33 0.00
CA VAL A 171 7.32 0.23 1.37
C VAL A 171 6.08 -0.27 2.11
N GLU A 172 6.12 -0.33 3.41
CA GLU A 172 4.95 -0.81 4.18
C GLU A 172 4.16 0.38 4.72
N LEU A 173 2.86 0.34 4.62
CA LEU A 173 2.03 1.47 5.13
C LEU A 173 0.91 0.92 6.00
N ASP A 174 0.45 1.71 6.95
CA ASP A 174 -0.66 1.23 7.83
C ASP A 174 -1.95 1.13 7.02
N PHE A 175 -2.87 0.32 7.47
CA PHE A 175 -4.17 0.18 6.73
C PHE A 175 -4.78 1.56 6.51
N SER A 176 -4.79 2.39 7.53
CA SER A 176 -5.38 3.74 7.38
C SER A 176 -4.43 4.63 6.58
N GLN A 177 -3.18 4.27 6.52
CA GLN A 177 -2.20 5.10 5.75
C GLN A 177 -2.46 4.94 4.24
N VAL A 178 -3.05 3.85 3.85
CA VAL A 178 -3.34 3.64 2.41
C VAL A 178 -4.82 3.30 2.22
N GLU A 179 -5.31 3.40 1.01
CA GLU A 179 -6.74 3.09 0.77
C GLU A 179 -6.85 1.86 -0.14
N LYS A 180 -7.90 1.11 -0.02
CA LYS A 180 -8.06 -0.10 -0.88
C LYS A 180 -8.60 0.32 -2.24
N ALA A 181 -8.00 -0.16 -3.30
CA ALA A 181 -8.48 0.21 -4.67
C ALA A 181 -9.63 -0.72 -5.05
N ARG A 123 -17.31 2.65 6.96
CA ARG A 123 -16.16 1.86 7.48
C ARG A 123 -15.61 0.97 6.37
N PRO A 124 -14.68 1.50 5.56
CA PRO A 124 -14.07 0.75 4.45
C PRO A 124 -13.44 -0.56 4.94
N LYS A 125 -13.39 -1.55 4.09
CA LYS A 125 -12.78 -2.85 4.49
C LYS A 125 -11.26 -2.76 4.36
N THR A 126 -10.54 -3.36 5.27
CA THR A 126 -9.06 -3.32 5.19
C THR A 126 -8.53 -4.67 4.69
N LEU A 127 -9.39 -5.48 4.13
CA LEU A 127 -8.93 -6.80 3.62
C LEU A 127 -8.16 -6.61 2.32
N PHE A 128 -6.86 -6.63 2.39
CA PHE A 128 -6.04 -6.45 1.16
C PHE A 128 -5.50 -7.81 0.70
N GLU A 129 -5.69 -8.14 -0.55
CA GLU A 129 -5.19 -9.45 -1.06
C GLU A 129 -3.91 -9.22 -1.87
N PRO A 130 -2.92 -10.11 -1.72
CA PRO A 130 -1.65 -10.01 -2.44
C PRO A 130 -1.86 -9.66 -3.91
N GLY A 131 -1.07 -8.75 -4.42
CA GLY A 131 -1.23 -8.36 -5.85
C GLY A 131 -2.38 -7.37 -5.99
N GLU A 132 -2.93 -6.93 -4.89
CA GLU A 132 -4.06 -5.96 -4.96
C GLU A 132 -3.52 -4.52 -4.99
N MET A 133 -3.93 -3.73 -5.92
CA MET A 133 -3.43 -2.32 -5.99
C MET A 133 -3.96 -1.54 -4.79
N VAL A 134 -3.18 -0.64 -4.27
CA VAL A 134 -3.65 0.16 -3.10
C VAL A 134 -3.37 1.65 -3.37
N ARG A 135 -3.73 2.50 -2.44
CA ARG A 135 -3.50 3.96 -2.64
C ARG A 135 -2.81 4.54 -1.41
N VAL A 136 -1.80 5.35 -1.60
CA VAL A 136 -1.09 5.95 -0.44
C VAL A 136 -1.46 7.43 -0.32
N ASN A 137 -1.78 7.89 0.86
CA ASN A 137 -2.13 9.32 1.04
C ASN A 137 -1.37 9.89 2.24
N ASP A 138 -0.26 9.30 2.59
CA ASP A 138 0.53 9.80 3.73
C ASP A 138 2.02 9.67 3.44
N GLY A 139 2.81 10.60 3.88
CA GLY A 139 4.28 10.52 3.62
C GLY A 139 4.57 10.88 2.16
N PRO A 140 5.85 11.01 1.81
CA PRO A 140 6.26 11.35 0.44
C PRO A 140 5.61 10.44 -0.60
N PHE A 141 5.09 9.31 -0.18
CA PHE A 141 4.43 8.39 -1.15
C PHE A 141 2.94 8.69 -1.22
N ALA A 142 2.54 9.84 -0.76
CA ALA A 142 1.09 10.20 -0.79
C ALA A 142 0.68 10.51 -2.23
N ASP A 143 -0.56 10.25 -2.57
CA ASP A 143 -1.02 10.53 -3.96
C ASP A 143 -0.28 9.63 -4.94
N PHE A 144 -0.21 8.36 -4.66
CA PHE A 144 0.50 7.42 -5.58
C PHE A 144 -0.19 6.06 -5.55
N ASN A 145 -0.20 5.36 -6.65
CA ASN A 145 -0.86 4.02 -6.68
C ASN A 145 0.22 2.92 -6.62
N GLY A 146 -0.12 1.78 -6.08
CA GLY A 146 0.89 0.69 -5.99
C GLY A 146 0.17 -0.62 -5.67
N VAL A 147 0.90 -1.68 -5.45
CA VAL A 147 0.26 -2.99 -5.15
C VAL A 147 0.91 -3.59 -3.89
N VAL A 148 0.16 -4.37 -3.14
CA VAL A 148 0.73 -4.97 -1.91
C VAL A 148 1.37 -6.33 -2.25
N GLU A 149 2.67 -6.40 -2.26
CA GLU A 149 3.34 -7.68 -2.59
C GLU A 149 3.14 -8.67 -1.43
N GLU A 150 3.16 -8.19 -0.22
CA GLU A 150 2.97 -9.11 0.94
C GLU A 150 2.07 -8.41 1.97
N VAL A 151 1.43 -9.18 2.82
CA VAL A 151 0.54 -8.57 3.84
C VAL A 151 0.87 -9.15 5.22
N ASP A 152 0.68 -8.39 6.26
CA ASP A 152 0.97 -8.90 7.63
C ASP A 152 -0.15 -8.50 8.58
N TYR A 153 -1.15 -9.32 8.72
CA TYR A 153 -2.28 -8.99 9.63
C TYR A 153 -1.79 -9.01 11.08
N GLU A 154 -0.91 -9.91 11.40
CA GLU A 154 -0.38 -9.98 12.79
C GLU A 154 0.39 -8.69 13.12
N LYS A 155 1.18 -8.22 12.20
CA LYS A 155 1.95 -6.98 12.46
C LYS A 155 1.12 -5.77 12.01
N SER A 156 -0.03 -6.00 11.42
CA SER A 156 -0.88 -4.86 10.98
C SER A 156 -0.07 -3.96 10.05
N ARG A 157 0.52 -4.52 9.03
CA ARG A 157 1.32 -3.69 8.08
C ARG A 157 1.17 -4.24 6.66
N LEU A 158 1.10 -3.38 5.69
CA LEU A 158 0.94 -3.85 4.29
C LEU A 158 2.22 -3.55 3.50
N LYS A 159 2.72 -4.51 2.77
CA LYS A 159 3.96 -4.28 1.98
C LYS A 159 3.58 -3.89 0.55
N VAL A 160 3.45 -2.63 0.29
CA VAL A 160 3.08 -2.18 -1.09
C VAL A 160 4.20 -1.33 -1.68
N SER A 161 4.44 -1.43 -2.95
CA SER A 161 5.52 -0.62 -3.58
C SER A 161 4.91 0.60 -4.28
N VAL A 162 5.63 1.69 -4.32
CA VAL A 162 5.09 2.91 -4.97
C VAL A 162 5.60 2.99 -6.42
N SER A 163 4.76 3.36 -7.33
CA SER A 163 5.19 3.47 -8.75
C SER A 163 5.79 4.85 -9.00
N ILE A 164 7.04 5.04 -8.67
CA ILE A 164 7.68 6.37 -8.88
C ILE A 164 8.49 6.34 -10.18
N PHE A 165 8.43 7.40 -10.94
CA PHE A 165 9.20 7.45 -12.22
C PHE A 165 10.67 7.13 -11.95
N GLY A 166 11.22 7.66 -10.89
CA GLY A 166 12.66 7.39 -10.59
C GLY A 166 12.87 5.89 -10.38
N ARG A 167 11.89 5.20 -9.83
CA ARG A 167 12.03 3.74 -9.60
C ARG A 167 11.00 3.28 -8.57
N ALA A 168 10.52 2.07 -8.69
CA ALA A 168 9.52 1.58 -7.71
C ALA A 168 10.12 1.58 -6.30
N THR A 169 9.34 1.90 -5.30
CA THR A 169 9.88 1.92 -3.91
C THR A 169 9.01 1.04 -3.01
N PRO A 170 9.47 -0.20 -2.77
CA PRO A 170 8.73 -1.15 -1.92
C PRO A 170 8.77 -0.72 -0.45
N VAL A 171 7.69 -0.19 0.05
CA VAL A 171 7.66 0.23 1.48
C VAL A 171 6.42 -0.35 2.17
N GLU A 172 6.43 -0.40 3.47
CA GLU A 172 5.25 -0.96 4.20
C GLU A 172 4.37 0.18 4.70
N LEU A 173 3.09 0.14 4.42
CA LEU A 173 2.19 1.23 4.87
C LEU A 173 1.04 0.62 5.68
N ASP A 174 0.55 1.33 6.67
CA ASP A 174 -0.57 0.81 7.49
C ASP A 174 -1.84 0.77 6.65
N PHE A 175 -2.88 0.16 7.15
CA PHE A 175 -4.15 0.11 6.36
C PHE A 175 -4.73 1.52 6.23
N SER A 176 -4.66 2.29 7.28
CA SER A 176 -5.21 3.69 7.20
C SER A 176 -4.25 4.57 6.40
N GLN A 177 -2.98 4.25 6.42
CA GLN A 177 -1.99 5.07 5.67
C GLN A 177 -2.26 4.94 4.17
N VAL A 178 -2.90 3.87 3.76
CA VAL A 178 -3.19 3.69 2.31
C VAL A 178 -4.67 3.33 2.13
N GLU A 179 -5.19 3.44 0.94
CA GLU A 179 -6.61 3.11 0.70
C GLU A 179 -6.71 1.96 -0.30
N LYS A 180 -7.65 1.07 -0.10
CA LYS A 180 -7.81 -0.08 -1.05
C LYS A 180 -8.16 0.45 -2.43
N ALA A 181 -7.52 -0.06 -3.45
CA ALA A 181 -7.82 0.42 -4.83
C ALA A 181 -8.85 -0.51 -5.48
N ARG A 123 -17.69 2.30 -0.75
CA ARG A 123 -17.01 2.17 0.56
C ARG A 123 -15.79 1.25 0.43
N PRO A 124 -14.59 1.78 0.73
CA PRO A 124 -13.35 1.00 0.64
C PRO A 124 -13.39 -0.25 1.53
N LYS A 125 -12.82 -1.32 1.09
CA LYS A 125 -12.83 -2.57 1.90
C LYS A 125 -11.46 -2.75 2.57
N THR A 126 -11.44 -3.37 3.71
CA THR A 126 -10.13 -3.57 4.41
C THR A 126 -9.56 -4.93 4.02
N LEU A 127 -10.08 -5.54 2.98
CA LEU A 127 -9.56 -6.86 2.55
C LEU A 127 -8.42 -6.67 1.53
N PHE A 128 -7.20 -6.71 1.99
CA PHE A 128 -6.06 -6.53 1.05
C PHE A 128 -5.38 -7.87 0.80
N GLU A 129 -5.08 -8.17 -0.44
CA GLU A 129 -4.41 -9.47 -0.76
C GLU A 129 -3.34 -9.25 -1.82
N PRO A 130 -2.27 -10.06 -1.79
CA PRO A 130 -1.18 -9.95 -2.76
C PRO A 130 -1.69 -9.81 -4.19
N GLY A 131 -1.22 -8.83 -4.92
CA GLY A 131 -1.69 -8.64 -6.31
C GLY A 131 -2.85 -7.65 -6.33
N GLU A 132 -3.19 -7.09 -5.21
CA GLU A 132 -4.33 -6.12 -5.16
C GLU A 132 -3.77 -4.69 -5.18
N MET A 133 -4.39 -3.82 -5.93
CA MET A 133 -3.89 -2.41 -5.99
C MET A 133 -4.29 -1.67 -4.72
N VAL A 134 -3.49 -0.74 -4.28
CA VAL A 134 -3.83 0.02 -3.04
C VAL A 134 -3.55 1.51 -3.27
N ARG A 135 -3.80 2.32 -2.28
CA ARG A 135 -3.55 3.78 -2.44
C ARG A 135 -2.85 4.32 -1.19
N VAL A 136 -1.83 5.12 -1.36
CA VAL A 136 -1.12 5.68 -0.19
C VAL A 136 -1.43 7.18 -0.05
N ASN A 137 -1.70 7.63 1.13
CA ASN A 137 -2.01 9.07 1.33
C ASN A 137 -1.19 9.62 2.50
N ASP A 138 -0.14 8.94 2.87
CA ASP A 138 0.70 9.42 4.00
C ASP A 138 2.17 9.37 3.60
N GLY A 139 2.96 10.32 4.05
CA GLY A 139 4.40 10.33 3.69
C GLY A 139 4.56 10.70 2.21
N PRO A 140 5.81 10.83 1.76
CA PRO A 140 6.11 11.19 0.36
C PRO A 140 5.41 10.25 -0.63
N PHE A 141 5.00 9.10 -0.17
CA PHE A 141 4.30 8.14 -1.10
C PHE A 141 2.80 8.44 -1.08
N ALA A 142 2.40 9.55 -0.53
CA ALA A 142 0.96 9.89 -0.49
C ALA A 142 0.47 10.25 -1.90
N ASP A 143 -0.77 10.01 -2.20
CA ASP A 143 -1.29 10.35 -3.55
C ASP A 143 -0.55 9.52 -4.60
N PHE A 144 -0.45 8.23 -4.40
CA PHE A 144 0.26 7.36 -5.38
C PHE A 144 -0.43 6.00 -5.45
N ASN A 145 -0.50 5.42 -6.61
CA ASN A 145 -1.15 4.09 -6.74
C ASN A 145 -0.09 2.99 -6.70
N GLY A 146 -0.41 1.87 -6.12
CA GLY A 146 0.58 0.76 -6.04
C GLY A 146 -0.14 -0.56 -5.75
N VAL A 147 0.59 -1.63 -5.62
CA VAL A 147 -0.07 -2.94 -5.34
C VAL A 147 0.55 -3.56 -4.09
N VAL A 148 -0.22 -4.29 -3.33
CA VAL A 148 0.34 -4.91 -2.09
C VAL A 148 1.04 -6.23 -2.47
N GLU A 149 2.33 -6.21 -2.58
CA GLU A 149 3.07 -7.47 -2.94
C GLU A 149 2.94 -8.47 -1.79
N GLU A 150 2.90 -8.00 -0.58
CA GLU A 150 2.78 -8.93 0.58
C GLU A 150 1.97 -8.24 1.69
N VAL A 151 1.46 -9.01 2.63
CA VAL A 151 0.67 -8.40 3.73
C VAL A 151 1.21 -8.91 5.07
N ASP A 152 1.16 -8.09 6.09
CA ASP A 152 1.67 -8.52 7.42
C ASP A 152 0.58 -8.27 8.48
N TYR A 153 -0.18 -9.28 8.80
CA TYR A 153 -1.24 -9.11 9.83
C TYR A 153 -0.60 -8.83 11.19
N GLU A 154 0.46 -9.51 11.50
CA GLU A 154 1.13 -9.28 12.82
C GLU A 154 1.63 -7.84 12.90
N LYS A 155 2.19 -7.35 11.83
CA LYS A 155 2.70 -5.95 11.85
C LYS A 155 1.55 -4.98 11.53
N SER A 156 0.37 -5.49 11.33
CA SER A 156 -0.79 -4.61 11.02
C SER A 156 -0.37 -3.57 9.97
N ARG A 157 0.10 -4.02 8.84
CA ARG A 157 0.51 -3.06 7.77
C ARG A 157 0.43 -3.75 6.41
N LEU A 158 0.48 -2.99 5.35
CA LEU A 158 0.41 -3.59 3.99
C LEU A 158 1.73 -3.39 3.26
N LYS A 159 2.22 -4.39 2.58
CA LYS A 159 3.50 -4.24 1.85
C LYS A 159 3.22 -3.81 0.41
N VAL A 160 3.26 -2.54 0.13
CA VAL A 160 2.98 -2.07 -1.25
C VAL A 160 4.18 -1.28 -1.77
N SER A 161 4.46 -1.36 -3.04
CA SER A 161 5.61 -0.61 -3.61
C SER A 161 5.09 0.50 -4.53
N VAL A 162 5.71 1.64 -4.51
CA VAL A 162 5.25 2.76 -5.39
C VAL A 162 6.31 3.04 -6.45
N SER A 163 5.91 3.13 -7.69
CA SER A 163 6.90 3.42 -8.77
C SER A 163 7.14 4.93 -8.85
N ILE A 164 7.98 5.46 -8.00
CA ILE A 164 8.25 6.92 -8.02
C ILE A 164 9.60 7.17 -8.71
N PHE A 165 9.68 8.18 -9.53
CA PHE A 165 10.96 8.47 -10.23
C PHE A 165 11.30 7.32 -11.18
N GLY A 166 10.36 6.45 -11.42
CA GLY A 166 10.62 5.31 -12.34
C GLY A 166 11.37 4.21 -11.59
N ARG A 167 11.45 4.32 -10.29
CA ARG A 167 12.17 3.28 -9.50
C ARG A 167 11.19 2.64 -8.50
N ALA A 168 11.25 1.35 -8.34
CA ALA A 168 10.34 0.67 -7.38
C ALA A 168 10.75 1.01 -5.94
N THR A 169 9.81 1.29 -5.08
CA THR A 169 10.15 1.64 -3.68
C THR A 169 9.25 0.85 -2.73
N PRO A 170 9.54 -0.45 -2.56
CA PRO A 170 8.77 -1.33 -1.68
C PRO A 170 8.71 -0.80 -0.25
N VAL A 171 7.60 -0.24 0.13
CA VAL A 171 7.48 0.30 1.53
C VAL A 171 6.20 -0.24 2.17
N GLU A 172 6.17 -0.29 3.48
CA GLU A 172 4.95 -0.81 4.17
C GLU A 172 4.13 0.36 4.70
N LEU A 173 2.86 0.38 4.42
CA LEU A 173 2.00 1.49 4.92
C LEU A 173 0.87 0.93 5.78
N ASP A 174 0.42 1.67 6.74
CA ASP A 174 -0.69 1.17 7.61
C ASP A 174 -1.99 1.10 6.80
N PHE A 175 -2.91 0.29 7.23
CA PHE A 175 -4.20 0.17 6.49
C PHE A 175 -4.89 1.53 6.46
N SER A 176 -4.87 2.25 7.55
CA SER A 176 -5.53 3.58 7.58
C SER A 176 -4.67 4.59 6.81
N GLN A 177 -3.41 4.29 6.63
CA GLN A 177 -2.52 5.22 5.89
C GLN A 177 -2.71 5.02 4.39
N VAL A 178 -3.23 3.89 4.00
CA VAL A 178 -3.44 3.63 2.54
C VAL A 178 -4.91 3.28 2.31
N GLU A 179 -5.37 3.36 1.09
CA GLU A 179 -6.79 3.03 0.80
C GLU A 179 -6.86 1.91 -0.23
N LYS A 180 -7.91 1.14 -0.21
CA LYS A 180 -8.04 0.02 -1.19
C LYS A 180 -8.37 0.58 -2.57
N ALA A 181 -7.71 0.10 -3.59
CA ALA A 181 -7.99 0.60 -4.97
C ALA A 181 -9.50 0.53 -5.25
N ARG A 123 -19.38 -1.15 7.55
CA ARG A 123 -17.91 -1.01 7.38
C ARG A 123 -17.39 -2.12 6.47
N PRO A 124 -16.77 -1.73 5.34
CA PRO A 124 -16.22 -2.70 4.38
C PRO A 124 -15.22 -3.65 5.04
N LYS A 125 -15.14 -4.86 4.54
CA LYS A 125 -14.19 -5.83 5.15
C LYS A 125 -12.79 -5.62 4.55
N THR A 126 -11.79 -5.58 5.38
CA THR A 126 -10.39 -5.38 4.87
C THR A 126 -9.92 -6.65 4.17
N LEU A 127 -9.50 -6.55 2.95
CA LEU A 127 -9.02 -7.77 2.21
C LEU A 127 -7.79 -7.41 1.37
N PHE A 128 -6.64 -7.37 1.97
CA PHE A 128 -5.41 -7.04 1.21
C PHE A 128 -4.64 -8.33 0.90
N GLU A 129 -4.42 -8.62 -0.36
CA GLU A 129 -3.68 -9.86 -0.72
C GLU A 129 -2.78 -9.58 -1.93
N PRO A 130 -1.54 -10.10 -1.90
CA PRO A 130 -0.59 -9.91 -3.00
C PRO A 130 -1.28 -9.86 -4.37
N GLY A 131 -1.09 -8.81 -5.10
CA GLY A 131 -1.74 -8.70 -6.44
C GLY A 131 -2.89 -7.70 -6.38
N GLU A 132 -3.12 -7.12 -5.23
CA GLU A 132 -4.23 -6.14 -5.10
C GLU A 132 -3.67 -4.71 -5.21
N MET A 133 -4.46 -3.78 -5.67
CA MET A 133 -3.96 -2.38 -5.79
C MET A 133 -4.30 -1.61 -4.52
N VAL A 134 -3.49 -0.66 -4.15
CA VAL A 134 -3.77 0.12 -2.91
C VAL A 134 -3.54 1.61 -3.19
N ARG A 135 -3.76 2.44 -2.21
CA ARG A 135 -3.55 3.90 -2.41
C ARG A 135 -2.78 4.47 -1.23
N VAL A 136 -1.91 5.43 -1.46
CA VAL A 136 -1.12 6.01 -0.34
C VAL A 136 -1.49 7.49 -0.19
N ASN A 137 -1.80 7.91 1.00
CA ASN A 137 -2.17 9.34 1.23
C ASN A 137 -1.31 9.92 2.35
N ASP A 138 -0.26 9.25 2.72
CA ASP A 138 0.62 9.76 3.82
C ASP A 138 2.08 9.62 3.41
N GLY A 139 2.91 10.52 3.85
CA GLY A 139 4.36 10.43 3.49
C GLY A 139 4.55 10.84 2.03
N PRO A 140 5.80 10.97 1.59
CA PRO A 140 6.14 11.35 0.21
C PRO A 140 5.41 10.47 -0.80
N PHE A 141 4.99 9.30 -0.40
CA PHE A 141 4.27 8.40 -1.36
C PHE A 141 2.78 8.75 -1.35
N ALA A 142 2.41 9.83 -0.72
CA ALA A 142 0.97 10.22 -0.68
C ALA A 142 0.50 10.55 -2.10
N ASP A 143 -0.74 10.24 -2.40
CA ASP A 143 -1.26 10.52 -3.76
C ASP A 143 -0.51 9.68 -4.79
N PHE A 144 -0.35 8.42 -4.54
CA PHE A 144 0.38 7.55 -5.51
C PHE A 144 -0.23 6.15 -5.50
N ASN A 145 -0.62 5.65 -6.64
CA ASN A 145 -1.22 4.29 -6.69
C ASN A 145 -0.10 3.24 -6.64
N GLY A 146 -0.30 2.19 -5.88
CA GLY A 146 0.74 1.13 -5.78
C GLY A 146 0.07 -0.22 -5.53
N VAL A 147 0.81 -1.29 -5.67
CA VAL A 147 0.21 -2.64 -5.45
C VAL A 147 0.77 -3.23 -4.15
N VAL A 148 0.06 -4.12 -3.54
CA VAL A 148 0.55 -4.73 -2.27
C VAL A 148 1.22 -6.07 -2.58
N GLU A 149 2.50 -6.17 -2.36
CA GLU A 149 3.22 -7.44 -2.65
C GLU A 149 2.89 -8.46 -1.56
N GLU A 150 2.72 -8.01 -0.34
CA GLU A 150 2.40 -8.94 0.78
C GLU A 150 1.72 -8.18 1.91
N VAL A 151 1.01 -8.86 2.76
CA VAL A 151 0.34 -8.16 3.89
C VAL A 151 0.71 -8.84 5.21
N ASP A 152 0.71 -8.10 6.28
CA ASP A 152 1.06 -8.71 7.60
C ASP A 152 -0.11 -8.53 8.57
N TYR A 153 -1.07 -9.42 8.52
CA TYR A 153 -2.24 -9.29 9.43
C TYR A 153 -1.75 -9.28 10.89
N GLU A 154 -0.70 -9.99 11.18
CA GLU A 154 -0.18 -10.02 12.57
C GLU A 154 0.32 -8.62 12.96
N LYS A 155 0.99 -7.95 12.06
CA LYS A 155 1.51 -6.59 12.39
C LYS A 155 0.53 -5.54 11.84
N SER A 156 -0.49 -5.97 11.16
CA SER A 156 -1.48 -4.98 10.61
C SER A 156 -0.76 -3.98 9.72
N ARG A 157 0.01 -4.45 8.77
CA ARG A 157 0.74 -3.52 7.86
C ARG A 157 0.63 -4.03 6.41
N LEU A 158 0.77 -3.15 5.46
CA LEU A 158 0.67 -3.58 4.04
C LEU A 158 2.01 -3.37 3.34
N LYS A 159 2.42 -4.29 2.52
CA LYS A 159 3.72 -4.13 1.80
C LYS A 159 3.45 -3.68 0.37
N VAL A 160 3.38 -2.39 0.14
CA VAL A 160 3.12 -1.89 -1.24
C VAL A 160 4.33 -1.13 -1.76
N SER A 161 4.55 -1.16 -3.04
CA SER A 161 5.72 -0.44 -3.63
C SER A 161 5.22 0.61 -4.61
N VAL A 162 5.70 1.82 -4.52
CA VAL A 162 5.24 2.89 -5.46
C VAL A 162 6.29 3.10 -6.54
N SER A 163 5.87 3.16 -7.78
CA SER A 163 6.85 3.37 -8.89
C SER A 163 7.13 4.87 -9.04
N ILE A 164 8.02 5.40 -8.22
CA ILE A 164 8.33 6.86 -8.32
C ILE A 164 9.66 7.04 -9.07
N PHE A 165 9.75 8.05 -9.89
CA PHE A 165 11.02 8.28 -10.64
C PHE A 165 11.28 7.10 -11.57
N GLY A 166 10.29 6.28 -11.79
CA GLY A 166 10.48 5.10 -12.69
C GLY A 166 11.13 3.96 -11.91
N ARG A 167 11.33 4.13 -10.63
CA ARG A 167 11.96 3.05 -9.81
C ARG A 167 10.97 2.58 -8.74
N ALA A 168 10.90 1.31 -8.51
CA ALA A 168 9.96 0.79 -7.48
C ALA A 168 10.49 1.14 -6.08
N THR A 169 9.62 1.49 -5.17
CA THR A 169 10.08 1.84 -3.81
C THR A 169 9.28 1.04 -2.77
N PRO A 170 9.51 -0.28 -2.74
CA PRO A 170 8.82 -1.18 -1.80
C PRO A 170 8.78 -0.60 -0.38
N VAL A 171 7.64 -0.13 0.05
CA VAL A 171 7.54 0.44 1.42
C VAL A 171 6.30 -0.12 2.13
N GLU A 172 6.30 -0.12 3.42
CA GLU A 172 5.13 -0.65 4.18
C GLU A 172 4.32 0.51 4.76
N LEU A 173 3.04 0.53 4.54
CA LEU A 173 2.20 1.64 5.08
C LEU A 173 1.16 1.08 6.04
N ASP A 174 0.65 1.89 6.92
CA ASP A 174 -0.37 1.41 7.89
C ASP A 174 -1.74 1.36 7.20
N PHE A 175 -2.64 0.56 7.71
CA PHE A 175 -4.00 0.46 7.10
C PHE A 175 -4.57 1.87 6.87
N SER A 176 -4.54 2.70 7.87
CA SER A 176 -5.08 4.08 7.72
C SER A 176 -4.16 4.90 6.81
N GLN A 177 -2.91 4.54 6.73
CA GLN A 177 -1.97 5.31 5.88
C GLN A 177 -2.29 5.05 4.40
N VAL A 178 -2.91 3.94 4.10
CA VAL A 178 -3.25 3.66 2.67
C VAL A 178 -4.73 3.23 2.59
N GLU A 179 -5.30 3.28 1.41
CA GLU A 179 -6.72 2.88 1.25
C GLU A 179 -6.82 1.73 0.25
N LYS A 180 -7.74 0.83 0.46
CA LYS A 180 -7.88 -0.33 -0.48
C LYS A 180 -8.42 0.18 -1.81
N ALA A 181 -7.86 -0.26 -2.90
CA ALA A 181 -8.34 0.19 -4.23
C ALA A 181 -9.65 -0.53 -4.56
N ARG A 123 -19.13 -1.34 7.31
CA ARG A 123 -19.38 -1.91 5.96
C ARG A 123 -18.05 -2.09 5.22
N PRO A 124 -17.44 -0.98 4.79
CA PRO A 124 -16.15 -1.01 4.07
C PRO A 124 -15.08 -1.76 4.86
N LYS A 125 -14.16 -2.37 4.18
CA LYS A 125 -13.07 -3.12 4.89
C LYS A 125 -11.71 -2.72 4.33
N THR A 126 -10.67 -2.89 5.09
CA THR A 126 -9.31 -2.51 4.60
C THR A 126 -8.46 -3.77 4.46
N LEU A 127 -9.07 -4.89 4.16
CA LEU A 127 -8.29 -6.15 4.01
C LEU A 127 -7.65 -6.19 2.62
N PHE A 128 -6.39 -5.85 2.53
CA PHE A 128 -5.71 -5.87 1.20
C PHE A 128 -5.17 -7.28 0.93
N GLU A 129 -5.41 -7.80 -0.24
CA GLU A 129 -4.91 -9.16 -0.57
C GLU A 129 -3.78 -9.05 -1.60
N PRO A 130 -2.72 -9.85 -1.41
CA PRO A 130 -1.57 -9.84 -2.32
C PRO A 130 -2.00 -9.73 -3.79
N GLY A 131 -1.36 -8.88 -4.54
CA GLY A 131 -1.74 -8.72 -5.98
C GLY A 131 -2.90 -7.73 -6.09
N GLU A 132 -3.25 -7.08 -5.01
CA GLU A 132 -4.38 -6.11 -5.05
C GLU A 132 -3.82 -4.69 -5.11
N MET A 133 -4.36 -3.85 -5.97
CA MET A 133 -3.85 -2.46 -6.06
C MET A 133 -4.26 -1.68 -4.80
N VAL A 134 -3.46 -0.75 -4.38
CA VAL A 134 -3.80 0.04 -3.16
C VAL A 134 -3.51 1.53 -3.42
N ARG A 135 -3.78 2.37 -2.46
CA ARG A 135 -3.52 3.82 -2.65
C ARG A 135 -2.86 4.38 -1.39
N VAL A 136 -1.95 5.30 -1.54
CA VAL A 136 -1.27 5.89 -0.35
C VAL A 136 -1.70 7.35 -0.20
N ASN A 137 -2.21 7.71 0.96
CA ASN A 137 -2.64 9.11 1.17
C ASN A 137 -1.94 9.67 2.41
N ASP A 138 -0.83 9.10 2.78
CA ASP A 138 -0.10 9.61 3.98
C ASP A 138 1.41 9.47 3.76
N GLY A 139 2.17 10.43 4.20
CA GLY A 139 3.65 10.35 4.01
C GLY A 139 4.00 10.81 2.59
N PRO A 140 5.30 10.79 2.26
CA PRO A 140 5.79 11.20 0.94
C PRO A 140 5.18 10.36 -0.18
N PHE A 141 4.67 9.20 0.14
CA PHE A 141 4.05 8.33 -0.90
C PHE A 141 2.58 8.71 -1.07
N ALA A 142 2.16 9.80 -0.47
CA ALA A 142 0.74 10.21 -0.60
C ALA A 142 0.43 10.55 -2.06
N ASP A 143 -0.81 10.41 -2.46
CA ASP A 143 -1.19 10.73 -3.87
C ASP A 143 -0.45 9.77 -4.82
N PHE A 144 -0.39 8.51 -4.48
CA PHE A 144 0.29 7.53 -5.37
C PHE A 144 -0.43 6.19 -5.31
N ASN A 145 -0.35 5.41 -6.35
CA ASN A 145 -1.03 4.08 -6.34
C ASN A 145 0.03 2.96 -6.38
N GLY A 146 -0.37 1.75 -6.13
CA GLY A 146 0.61 0.63 -6.15
C GLY A 146 -0.10 -0.68 -5.80
N VAL A 147 0.63 -1.73 -5.59
CA VAL A 147 0.00 -3.03 -5.25
C VAL A 147 0.66 -3.60 -3.98
N VAL A 148 -0.08 -4.36 -3.21
CA VAL A 148 0.51 -4.95 -1.98
C VAL A 148 1.09 -6.32 -2.29
N GLU A 149 2.38 -6.47 -2.19
CA GLU A 149 3.02 -7.78 -2.49
C GLU A 149 2.59 -8.80 -1.43
N GLU A 150 2.47 -8.37 -0.20
CA GLU A 150 2.06 -9.32 0.88
C GLU A 150 1.39 -8.53 2.01
N VAL A 151 0.67 -9.22 2.86
CA VAL A 151 -0.01 -8.51 3.99
C VAL A 151 0.36 -9.17 5.31
N ASP A 152 0.46 -8.40 6.36
CA ASP A 152 0.82 -8.99 7.68
C ASP A 152 -0.14 -8.46 8.76
N TYR A 153 -1.21 -9.14 8.99
CA TYR A 153 -2.18 -8.68 10.03
C TYR A 153 -1.50 -8.67 11.40
N GLU A 154 -0.68 -9.66 11.67
CA GLU A 154 0.00 -9.71 12.99
C GLU A 154 0.89 -8.48 13.15
N LYS A 155 1.59 -8.08 12.11
CA LYS A 155 2.46 -6.89 12.21
C LYS A 155 1.68 -5.64 11.77
N SER A 156 0.45 -5.80 11.37
CA SER A 156 -0.35 -4.63 10.93
C SER A 156 0.45 -3.80 9.93
N ARG A 157 0.94 -4.43 8.90
CA ARG A 157 1.73 -3.68 7.87
C ARG A 157 1.49 -4.29 6.49
N LEU A 158 1.42 -3.47 5.48
CA LEU A 158 1.19 -4.00 4.11
C LEU A 158 2.40 -3.71 3.23
N LYS A 159 2.86 -4.68 2.50
CA LYS A 159 4.05 -4.45 1.61
C LYS A 159 3.57 -3.92 0.26
N VAL A 160 3.67 -2.63 0.05
CA VAL A 160 3.23 -2.06 -1.26
C VAL A 160 4.34 -1.20 -1.84
N SER A 161 4.57 -1.28 -3.13
CA SER A 161 5.64 -0.47 -3.76
C SER A 161 5.01 0.66 -4.58
N VAL A 162 5.67 1.78 -4.66
CA VAL A 162 5.11 2.92 -5.44
C VAL A 162 6.01 3.21 -6.64
N SER A 163 5.44 3.32 -7.82
CA SER A 163 6.26 3.61 -9.02
C SER A 163 6.64 5.09 -9.02
N ILE A 164 7.76 5.42 -8.43
CA ILE A 164 8.18 6.84 -8.39
C ILE A 164 9.34 7.06 -9.36
N PHE A 165 9.31 8.14 -10.10
CA PHE A 165 10.41 8.40 -11.06
C PHE A 165 10.67 7.14 -11.90
N GLY A 166 11.88 6.66 -11.94
CA GLY A 166 12.16 5.43 -12.74
C GLY A 166 12.71 4.33 -11.81
N ARG A 167 12.28 4.32 -10.58
CA ARG A 167 12.78 3.28 -9.64
C ARG A 167 11.67 2.89 -8.67
N ALA A 168 11.45 1.62 -8.47
CA ALA A 168 10.38 1.16 -7.54
C ALA A 168 10.81 1.43 -6.11
N THR A 169 9.91 1.89 -5.29
CA THR A 169 10.27 2.18 -3.87
C THR A 169 9.36 1.37 -2.94
N PRO A 170 9.62 0.06 -2.82
CA PRO A 170 8.82 -0.83 -1.96
C PRO A 170 8.79 -0.34 -0.52
N VAL A 171 7.65 0.11 -0.06
CA VAL A 171 7.55 0.60 1.34
C VAL A 171 6.36 -0.06 2.03
N GLU A 172 6.40 -0.15 3.33
CA GLU A 172 5.26 -0.78 4.06
C GLU A 172 4.37 0.30 4.66
N LEU A 173 3.09 0.27 4.37
CA LEU A 173 2.18 1.31 4.92
C LEU A 173 1.06 0.62 5.71
N ASP A 174 0.58 1.26 6.75
CA ASP A 174 -0.52 0.64 7.55
C ASP A 174 -1.78 0.53 6.70
N PHE A 175 -2.77 -0.18 7.18
CA PHE A 175 -4.03 -0.32 6.40
C PHE A 175 -4.69 1.05 6.26
N SER A 176 -4.63 1.87 7.28
CA SER A 176 -5.26 3.21 7.20
C SER A 176 -4.34 4.16 6.42
N GLN A 177 -3.06 3.89 6.43
CA GLN A 177 -2.12 4.78 5.70
C GLN A 177 -2.38 4.68 4.19
N VAL A 178 -2.89 3.56 3.75
CA VAL A 178 -3.17 3.41 2.30
C VAL A 178 -4.65 3.05 2.10
N GLU A 179 -5.18 3.32 0.94
CA GLU A 179 -6.62 3.00 0.68
C GLU A 179 -6.71 1.95 -0.44
N LYS A 180 -7.79 1.21 -0.48
CA LYS A 180 -7.94 0.17 -1.54
C LYS A 180 -8.15 0.85 -2.89
N ALA A 181 -7.60 0.30 -3.93
CA ALA A 181 -7.76 0.92 -5.28
C ALA A 181 -9.24 0.90 -5.66
N ARG A 123 -18.16 0.01 -0.67
CA ARG A 123 -18.09 -0.30 0.78
C ARG A 123 -16.91 -1.25 1.04
N PRO A 124 -15.71 -0.82 0.64
CA PRO A 124 -14.49 -1.63 0.83
C PRO A 124 -14.27 -2.00 2.29
N LYS A 125 -13.75 -3.17 2.55
CA LYS A 125 -13.51 -3.59 3.96
C LYS A 125 -12.05 -3.33 4.33
N THR A 126 -11.42 -2.39 3.68
CA THR A 126 -10.00 -2.08 3.99
C THR A 126 -9.19 -3.38 4.05
N LEU A 127 -9.67 -4.41 3.39
CA LEU A 127 -8.92 -5.69 3.40
C LEU A 127 -8.01 -5.77 2.17
N PHE A 128 -6.75 -5.49 2.34
CA PHE A 128 -5.81 -5.55 1.17
C PHE A 128 -5.18 -6.94 1.10
N GLU A 129 -5.05 -7.49 -0.08
CA GLU A 129 -4.44 -8.83 -0.21
C GLU A 129 -3.43 -8.82 -1.37
N PRO A 130 -2.46 -9.76 -1.33
CA PRO A 130 -1.44 -9.86 -2.37
C PRO A 130 -2.04 -9.84 -3.78
N GLY A 131 -1.52 -9.02 -4.64
CA GLY A 131 -2.07 -8.95 -6.03
C GLY A 131 -3.19 -7.90 -6.09
N GLU A 132 -3.34 -7.12 -5.06
CA GLU A 132 -4.40 -6.08 -5.06
C GLU A 132 -3.76 -4.70 -5.06
N MET A 133 -4.30 -3.79 -5.83
CA MET A 133 -3.72 -2.41 -5.87
C MET A 133 -4.19 -1.61 -4.65
N VAL A 134 -3.38 -0.70 -4.19
CA VAL A 134 -3.78 0.10 -3.00
C VAL A 134 -3.53 1.58 -3.29
N ARG A 135 -3.84 2.44 -2.36
CA ARG A 135 -3.62 3.89 -2.58
C ARG A 135 -2.88 4.48 -1.37
N VAL A 136 -1.93 5.35 -1.60
CA VAL A 136 -1.18 5.95 -0.47
C VAL A 136 -1.67 7.39 -0.23
N ASN A 137 -1.97 7.73 0.98
CA ASN A 137 -2.45 9.11 1.27
C ASN A 137 -1.69 9.68 2.47
N ASP A 138 -0.58 9.09 2.81
CA ASP A 138 0.21 9.58 3.97
C ASP A 138 1.70 9.52 3.64
N GLY A 139 2.48 10.42 4.18
CA GLY A 139 3.95 10.41 3.90
C GLY A 139 4.19 10.90 2.47
N PRO A 140 5.47 11.09 2.11
CA PRO A 140 5.85 11.55 0.77
C PRO A 140 5.23 10.69 -0.33
N PHE A 141 4.82 9.49 0.00
CA PHE A 141 4.21 8.60 -1.03
C PHE A 141 2.71 8.87 -1.11
N ALA A 142 2.26 9.92 -0.48
CA ALA A 142 0.80 10.24 -0.52
C ALA A 142 0.40 10.63 -1.95
N ASP A 143 -0.81 10.31 -2.35
CA ASP A 143 -1.25 10.66 -3.72
C ASP A 143 -0.60 9.71 -4.72
N PHE A 144 -0.28 8.51 -4.30
CA PHE A 144 0.36 7.54 -5.23
C PHE A 144 -0.32 6.17 -5.09
N ASN A 145 -0.30 5.38 -6.13
CA ASN A 145 -0.94 4.04 -6.05
C ASN A 145 0.12 2.95 -6.15
N GLY A 146 -0.21 1.74 -5.81
CA GLY A 146 0.79 0.63 -5.88
C GLY A 146 0.10 -0.70 -5.59
N VAL A 147 0.85 -1.77 -5.55
CA VAL A 147 0.24 -3.10 -5.26
C VAL A 147 0.81 -3.65 -3.96
N VAL A 148 0.15 -4.60 -3.37
CA VAL A 148 0.66 -5.18 -2.09
C VAL A 148 1.50 -6.43 -2.41
N GLU A 149 2.80 -6.27 -2.49
CA GLU A 149 3.67 -7.44 -2.79
C GLU A 149 3.60 -8.43 -1.63
N GLU A 150 3.42 -7.96 -0.43
CA GLU A 150 3.35 -8.87 0.74
C GLU A 150 2.43 -8.27 1.80
N VAL A 151 1.77 -9.10 2.57
CA VAL A 151 0.86 -8.58 3.62
C VAL A 151 1.26 -9.14 4.99
N ASP A 152 1.02 -8.40 6.03
CA ASP A 152 1.40 -8.90 7.39
C ASP A 152 0.26 -8.61 8.38
N TYR A 153 -0.76 -9.42 8.37
CA TYR A 153 -1.90 -9.18 9.30
C TYR A 153 -1.42 -9.32 10.75
N GLU A 154 -0.53 -10.25 11.00
CA GLU A 154 -0.02 -10.42 12.39
C GLU A 154 0.64 -9.12 12.87
N LYS A 155 1.46 -8.53 12.05
CA LYS A 155 2.13 -7.26 12.46
C LYS A 155 1.27 -6.07 12.03
N SER A 156 0.15 -6.32 11.41
CA SER A 156 -0.73 -5.20 10.97
C SER A 156 0.07 -4.26 10.06
N ARG A 157 0.69 -4.78 9.05
CA ARG A 157 1.48 -3.91 8.13
C ARG A 157 1.28 -4.37 6.69
N LEU A 158 1.17 -3.45 5.77
CA LEU A 158 0.96 -3.83 4.34
C LEU A 158 2.23 -3.52 3.53
N LYS A 159 2.72 -4.47 2.79
CA LYS A 159 3.94 -4.21 1.99
C LYS A 159 3.54 -3.74 0.59
N VAL A 160 3.70 -2.47 0.32
CA VAL A 160 3.32 -1.95 -1.03
C VAL A 160 4.52 -1.22 -1.64
N SER A 161 4.72 -1.38 -2.92
CA SER A 161 5.87 -0.70 -3.58
C SER A 161 5.35 0.42 -4.48
N VAL A 162 5.99 1.55 -4.47
CA VAL A 162 5.53 2.68 -5.33
C VAL A 162 6.47 2.83 -6.52
N SER A 163 5.93 3.08 -7.69
CA SER A 163 6.79 3.24 -8.89
C SER A 163 6.93 4.72 -9.23
N ILE A 164 7.97 5.35 -8.77
CA ILE A 164 8.15 6.80 -9.07
C ILE A 164 9.39 6.99 -9.95
N PHE A 165 9.29 7.79 -10.98
CA PHE A 165 10.45 8.01 -11.87
C PHE A 165 10.90 6.68 -12.48
N GLY A 166 10.01 5.73 -12.55
CA GLY A 166 10.39 4.40 -13.12
C GLY A 166 11.16 3.59 -12.09
N ARG A 167 11.11 4.00 -10.85
CA ARG A 167 11.85 3.26 -9.79
C ARG A 167 10.85 2.72 -8.76
N ALA A 168 11.14 1.60 -8.16
CA ALA A 168 10.20 1.04 -7.15
C ALA A 168 10.69 1.40 -5.75
N THR A 169 9.80 1.76 -4.87
CA THR A 169 10.21 2.12 -3.48
C THR A 169 9.36 1.34 -2.48
N PRO A 170 9.63 0.03 -2.33
CA PRO A 170 8.89 -0.83 -1.39
C PRO A 170 8.78 -0.20 0.00
N VAL A 171 7.62 0.22 0.39
CA VAL A 171 7.46 0.84 1.74
C VAL A 171 6.30 0.16 2.47
N GLU A 172 6.29 0.22 3.78
CA GLU A 172 5.19 -0.42 4.55
C GLU A 172 4.19 0.65 5.00
N LEU A 173 2.93 0.43 4.77
CA LEU A 173 1.91 1.43 5.18
C LEU A 173 0.78 0.73 5.94
N ASP A 174 0.17 1.41 6.88
CA ASP A 174 -0.94 0.77 7.65
C ASP A 174 -2.19 0.70 6.78
N PHE A 175 -3.20 0.03 7.24
CA PHE A 175 -4.46 -0.08 6.44
C PHE A 175 -5.08 1.31 6.29
N SER A 176 -5.00 2.13 7.31
CA SER A 176 -5.59 3.49 7.22
C SER A 176 -4.63 4.41 6.45
N GLN A 177 -3.36 4.11 6.48
CA GLN A 177 -2.38 4.96 5.75
C GLN A 177 -2.59 4.79 4.24
N VAL A 178 -3.23 3.73 3.84
CA VAL A 178 -3.45 3.51 2.37
C VAL A 178 -4.90 3.06 2.14
N GLU A 179 -5.43 3.30 0.98
CA GLU A 179 -6.83 2.88 0.70
C GLU A 179 -6.84 1.91 -0.48
N LYS A 180 -7.94 1.24 -0.70
CA LYS A 180 -8.02 0.28 -1.84
C LYS A 180 -8.08 1.05 -3.15
N ALA A 181 -7.49 0.52 -4.19
CA ALA A 181 -7.51 1.23 -5.50
C ALA A 181 -8.94 1.64 -5.84
N ARG A 123 -17.12 3.41 3.12
CA ARG A 123 -16.50 2.47 4.09
C ARG A 123 -15.63 1.45 3.33
N PRO A 124 -14.38 1.82 3.06
CA PRO A 124 -13.44 0.93 2.34
C PRO A 124 -13.30 -0.42 3.04
N LYS A 125 -13.05 -1.46 2.28
CA LYS A 125 -12.90 -2.80 2.90
C LYS A 125 -11.45 -3.00 3.35
N THR A 126 -11.24 -3.75 4.39
CA THR A 126 -9.85 -3.97 4.88
C THR A 126 -9.33 -5.32 4.35
N LEU A 127 -9.98 -5.86 3.37
CA LEU A 127 -9.53 -7.17 2.81
C LEU A 127 -8.50 -6.91 1.70
N PHE A 128 -7.23 -7.03 2.02
CA PHE A 128 -6.18 -6.79 0.99
C PHE A 128 -5.52 -8.12 0.64
N GLU A 129 -5.23 -8.34 -0.62
CA GLU A 129 -4.58 -9.61 -1.03
C GLU A 129 -3.45 -9.32 -2.02
N PRO A 130 -2.44 -10.20 -2.06
CA PRO A 130 -1.29 -10.03 -2.97
C PRO A 130 -1.74 -9.69 -4.39
N GLY A 131 -1.12 -8.71 -5.00
CA GLY A 131 -1.51 -8.33 -6.38
C GLY A 131 -2.67 -7.33 -6.34
N GLU A 132 -3.08 -6.93 -5.16
CA GLU A 132 -4.20 -5.97 -5.05
C GLU A 132 -3.65 -4.53 -5.11
N MET A 133 -4.31 -3.67 -5.83
CA MET A 133 -3.82 -2.26 -5.92
C MET A 133 -4.24 -1.50 -4.66
N VAL A 134 -3.46 -0.53 -4.26
CA VAL A 134 -3.82 0.25 -3.04
C VAL A 134 -3.52 1.73 -3.28
N ARG A 135 -3.79 2.57 -2.31
CA ARG A 135 -3.52 4.02 -2.50
C ARG A 135 -2.91 4.59 -1.21
N VAL A 136 -1.97 5.49 -1.34
CA VAL A 136 -1.33 6.07 -0.13
C VAL A 136 -1.74 7.54 0.01
N ASN A 137 -2.09 7.96 1.19
CA ASN A 137 -2.49 9.39 1.38
C ASN A 137 -1.68 9.99 2.52
N ASP A 138 -0.61 9.36 2.91
CA ASP A 138 0.23 9.91 4.01
C ASP A 138 1.71 9.67 3.70
N GLY A 139 2.58 10.48 4.22
CA GLY A 139 4.03 10.29 3.95
C GLY A 139 4.35 10.77 2.54
N PRO A 140 5.65 10.84 2.20
CA PRO A 140 6.10 11.28 0.87
C PRO A 140 5.47 10.43 -0.24
N PHE A 141 4.95 9.28 0.08
CA PHE A 141 4.32 8.43 -0.95
C PHE A 141 2.82 8.72 -1.02
N ALA A 142 2.39 9.81 -0.44
CA ALA A 142 0.95 10.15 -0.46
C ALA A 142 0.52 10.47 -1.89
N ASP A 143 -0.71 10.19 -2.23
CA ASP A 143 -1.19 10.47 -3.61
C ASP A 143 -0.42 9.59 -4.60
N PHE A 144 -0.29 8.32 -4.32
CA PHE A 144 0.44 7.42 -5.24
C PHE A 144 -0.27 6.07 -5.32
N ASN A 145 -0.32 5.47 -6.47
CA ASN A 145 -0.99 4.16 -6.61
C ASN A 145 0.04 3.04 -6.62
N GLY A 146 -0.25 1.93 -6.00
CA GLY A 146 0.72 0.81 -5.99
C GLY A 146 -0.02 -0.51 -5.71
N VAL A 147 0.68 -1.60 -5.70
CA VAL A 147 0.02 -2.91 -5.44
C VAL A 147 0.53 -3.49 -4.11
N VAL A 148 -0.15 -4.45 -3.56
CA VAL A 148 0.30 -5.05 -2.28
C VAL A 148 1.18 -6.27 -2.56
N GLU A 149 2.47 -6.10 -2.57
CA GLU A 149 3.37 -7.24 -2.84
C GLU A 149 3.29 -8.24 -1.67
N GLU A 150 3.11 -7.75 -0.47
CA GLU A 150 3.03 -8.66 0.70
C GLU A 150 2.16 -8.01 1.78
N VAL A 151 1.67 -8.80 2.70
CA VAL A 151 0.81 -8.22 3.78
C VAL A 151 1.40 -8.58 5.15
N ASP A 152 1.18 -7.75 6.13
CA ASP A 152 1.72 -8.04 7.48
C ASP A 152 0.59 -8.03 8.51
N TYR A 153 -0.19 -9.07 8.58
CA TYR A 153 -1.31 -9.12 9.54
C TYR A 153 -0.76 -9.07 10.96
N GLU A 154 0.36 -9.70 11.20
CA GLU A 154 0.95 -9.70 12.58
C GLU A 154 1.26 -8.25 12.98
N LYS A 155 1.82 -7.49 12.09
CA LYS A 155 2.15 -6.08 12.43
C LYS A 155 1.01 -5.16 11.99
N SER A 156 -0.05 -5.72 11.47
CA SER A 156 -1.20 -4.87 11.03
C SER A 156 -0.70 -3.85 10.00
N ARG A 157 -0.02 -4.29 8.98
CA ARG A 157 0.48 -3.34 7.96
C ARG A 157 0.46 -4.02 6.59
N LEU A 158 0.43 -3.25 5.53
CA LEU A 158 0.41 -3.86 4.17
C LEU A 158 1.70 -3.49 3.42
N LYS A 159 2.30 -4.45 2.76
CA LYS A 159 3.56 -4.15 2.03
C LYS A 159 3.21 -3.68 0.61
N VAL A 160 3.36 -2.41 0.34
CA VAL A 160 3.03 -1.88 -1.00
C VAL A 160 4.26 -1.20 -1.60
N SER A 161 4.46 -1.33 -2.88
CA SER A 161 5.65 -0.68 -3.52
C SER A 161 5.17 0.47 -4.41
N VAL A 162 5.94 1.52 -4.50
CA VAL A 162 5.53 2.68 -5.34
C VAL A 162 6.54 2.85 -6.49
N SER A 163 6.06 3.13 -7.67
CA SER A 163 6.99 3.32 -8.82
C SER A 163 7.15 4.81 -9.11
N ILE A 164 8.20 5.42 -8.62
CA ILE A 164 8.40 6.87 -8.87
C ILE A 164 9.67 7.08 -9.68
N PHE A 165 9.62 7.92 -10.68
CA PHE A 165 10.83 8.17 -11.52
C PHE A 165 11.30 6.84 -12.13
N GLY A 166 10.40 5.92 -12.34
CA GLY A 166 10.79 4.62 -12.94
C GLY A 166 11.57 3.80 -11.90
N ARG A 167 11.41 4.10 -10.65
CA ARG A 167 12.15 3.35 -9.60
C ARG A 167 11.15 2.68 -8.66
N ALA A 168 11.45 1.49 -8.20
CA ALA A 168 10.51 0.78 -7.29
C ALA A 168 10.85 1.12 -5.83
N THR A 169 9.86 1.43 -5.04
CA THR A 169 10.13 1.78 -3.61
C THR A 169 9.24 0.93 -2.71
N PRO A 170 9.58 -0.36 -2.57
CA PRO A 170 8.80 -1.29 -1.73
C PRO A 170 8.72 -0.81 -0.27
N VAL A 171 7.58 -0.29 0.12
CA VAL A 171 7.45 0.20 1.52
C VAL A 171 6.17 -0.38 2.14
N GLU A 172 6.11 -0.48 3.44
CA GLU A 172 4.90 -1.03 4.10
C GLU A 172 4.08 0.12 4.70
N LEU A 173 2.81 0.17 4.40
CA LEU A 173 1.96 1.26 4.96
C LEU A 173 0.82 0.65 5.78
N ASP A 174 0.42 1.30 6.83
CA ASP A 174 -0.69 0.76 7.66
C ASP A 174 -1.99 0.76 6.85
N PHE A 175 -3.04 0.19 7.37
CA PHE A 175 -4.33 0.17 6.63
C PHE A 175 -4.86 1.59 6.49
N SER A 176 -4.83 2.35 7.53
CA SER A 176 -5.34 3.75 7.45
C SER A 176 -4.36 4.61 6.66
N GLN A 177 -3.12 4.21 6.60
CA GLN A 177 -2.11 5.00 5.84
C GLN A 177 -2.38 4.87 4.35
N VAL A 178 -3.03 3.82 3.94
CA VAL A 178 -3.34 3.63 2.50
C VAL A 178 -4.81 3.28 2.33
N GLU A 179 -5.33 3.40 1.13
CA GLU A 179 -6.77 3.07 0.91
C GLU A 179 -6.87 1.92 -0.10
N LYS A 180 -7.84 1.07 0.05
CA LYS A 180 -8.00 -0.07 -0.90
C LYS A 180 -8.33 0.48 -2.29
N ALA A 181 -7.78 -0.09 -3.32
CA ALA A 181 -8.07 0.40 -4.70
C ALA A 181 -9.51 0.08 -5.05
N ARG A 123 -19.64 0.22 2.74
CA ARG A 123 -18.62 0.44 3.80
C ARG A 123 -17.43 -0.51 3.57
N PRO A 124 -16.39 -0.01 2.87
CA PRO A 124 -15.19 -0.80 2.57
C PRO A 124 -14.62 -1.46 3.82
N LYS A 125 -14.11 -2.66 3.69
CA LYS A 125 -13.54 -3.35 4.88
C LYS A 125 -12.02 -3.20 4.87
N THR A 126 -11.52 -2.24 4.16
CA THR A 126 -10.04 -2.02 4.10
C THR A 126 -9.33 -3.38 4.02
N LEU A 127 -9.92 -4.34 3.39
CA LEU A 127 -9.28 -5.69 3.29
C LEU A 127 -8.40 -5.74 2.03
N PHE A 128 -7.12 -5.57 2.19
CA PHE A 128 -6.21 -5.61 1.01
C PHE A 128 -5.65 -7.02 0.84
N GLU A 129 -5.54 -7.49 -0.37
CA GLU A 129 -5.00 -8.86 -0.60
C GLU A 129 -3.78 -8.79 -1.51
N PRO A 130 -2.88 -9.78 -1.41
CA PRO A 130 -1.66 -9.83 -2.22
C PRO A 130 -1.96 -9.65 -3.71
N GLY A 131 -1.28 -8.76 -4.37
CA GLY A 131 -1.53 -8.55 -5.82
C GLY A 131 -2.71 -7.58 -6.00
N GLU A 132 -3.10 -6.92 -4.95
CA GLU A 132 -4.25 -5.97 -5.06
C GLU A 132 -3.71 -4.53 -5.06
N MET A 133 -4.19 -3.71 -5.95
CA MET A 133 -3.71 -2.30 -6.01
C MET A 133 -4.21 -1.54 -4.79
N VAL A 134 -3.42 -0.63 -4.28
CA VAL A 134 -3.84 0.14 -3.07
C VAL A 134 -3.57 1.63 -3.31
N ARG A 135 -3.92 2.46 -2.35
CA ARG A 135 -3.68 3.92 -2.53
C ARG A 135 -2.94 4.45 -1.29
N VAL A 136 -1.96 5.28 -1.49
CA VAL A 136 -1.19 5.83 -0.33
C VAL A 136 -1.57 7.30 -0.13
N ASN A 137 -1.91 7.67 1.08
CA ASN A 137 -2.29 9.08 1.33
C ASN A 137 -1.46 9.63 2.50
N ASP A 138 -0.39 8.97 2.82
CA ASP A 138 0.47 9.46 3.95
C ASP A 138 1.94 9.35 3.55
N GLY A 139 2.76 10.26 4.04
CA GLY A 139 4.21 10.21 3.69
C GLY A 139 4.40 10.70 2.26
N PRO A 140 5.66 10.84 1.83
CA PRO A 140 5.99 11.30 0.47
C PRO A 140 5.37 10.40 -0.60
N PHE A 141 4.97 9.22 -0.23
CA PHE A 141 4.35 8.30 -1.23
C PHE A 141 2.84 8.52 -1.28
N ALA A 142 2.37 9.59 -0.68
CA ALA A 142 0.91 9.86 -0.69
C ALA A 142 0.48 10.31 -2.08
N ASP A 143 -0.72 9.97 -2.49
CA ASP A 143 -1.19 10.38 -3.83
C ASP A 143 -0.53 9.50 -4.90
N PHE A 144 -0.20 8.28 -4.55
CA PHE A 144 0.44 7.37 -5.54
C PHE A 144 -0.25 6.01 -5.51
N ASN A 145 -0.34 5.36 -6.64
CA ASN A 145 -1.01 4.02 -6.67
C ASN A 145 0.05 2.92 -6.62
N GLY A 146 -0.24 1.83 -5.96
CA GLY A 146 0.75 0.72 -5.88
C GLY A 146 0.02 -0.59 -5.59
N VAL A 147 0.75 -1.67 -5.46
CA VAL A 147 0.10 -2.98 -5.17
C VAL A 147 0.70 -3.57 -3.89
N VAL A 148 -0.03 -4.44 -3.23
CA VAL A 148 0.51 -5.05 -1.98
C VAL A 148 1.27 -6.33 -2.33
N GLU A 149 2.58 -6.25 -2.37
CA GLU A 149 3.38 -7.47 -2.71
C GLU A 149 3.21 -8.51 -1.60
N GLU A 150 3.15 -8.09 -0.37
CA GLU A 150 2.98 -9.05 0.75
C GLU A 150 2.12 -8.43 1.84
N VAL A 151 1.64 -9.21 2.76
CA VAL A 151 0.79 -8.66 3.86
C VAL A 151 1.32 -9.14 5.20
N ASP A 152 1.14 -8.37 6.24
CA ASP A 152 1.63 -8.79 7.58
C ASP A 152 0.54 -8.55 8.63
N TYR A 153 -0.39 -9.45 8.76
CA TYR A 153 -1.48 -9.27 9.76
C TYR A 153 -0.88 -9.27 11.17
N GLU A 154 0.10 -10.09 11.41
CA GLU A 154 0.72 -10.15 12.76
C GLU A 154 1.32 -8.78 13.09
N LYS A 155 2.00 -8.18 12.17
CA LYS A 155 2.61 -6.84 12.43
C LYS A 155 1.62 -5.74 12.04
N SER A 156 0.48 -6.11 11.53
CA SER A 156 -0.52 -5.08 11.13
C SER A 156 0.13 -4.10 10.15
N ARG A 157 0.72 -4.58 9.11
CA ARG A 157 1.38 -3.67 8.12
C ARG A 157 1.21 -4.23 6.72
N LEU A 158 1.05 -3.38 5.74
CA LEU A 158 0.88 -3.86 4.35
C LEU A 158 2.10 -3.48 3.51
N LYS A 159 2.72 -4.43 2.87
CA LYS A 159 3.91 -4.11 2.04
C LYS A 159 3.46 -3.63 0.66
N VAL A 160 3.55 -2.36 0.40
CA VAL A 160 3.13 -1.83 -0.92
C VAL A 160 4.29 -1.06 -1.56
N SER A 161 4.46 -1.19 -2.85
CA SER A 161 5.58 -0.46 -3.53
C SER A 161 5.00 0.60 -4.46
N VAL A 162 5.54 1.79 -4.42
CA VAL A 162 5.02 2.88 -5.31
C VAL A 162 5.76 2.83 -6.65
N SER A 163 5.03 2.85 -7.73
CA SER A 163 5.69 2.81 -9.06
C SER A 163 6.17 4.21 -9.44
N ILE A 164 7.30 4.61 -8.95
CA ILE A 164 7.82 5.97 -9.27
C ILE A 164 8.80 5.88 -10.44
N PHE A 165 8.75 6.82 -11.35
CA PHE A 165 9.68 6.78 -12.52
C PHE A 165 11.11 6.63 -12.02
N GLY A 166 11.49 7.38 -11.02
CA GLY A 166 12.89 7.27 -10.50
C GLY A 166 13.21 5.82 -10.17
N ARG A 167 12.24 5.07 -9.67
CA ARG A 167 12.49 3.64 -9.32
C ARG A 167 11.41 3.17 -8.35
N ALA A 168 11.02 1.93 -8.43
CA ALA A 168 9.97 1.41 -7.50
C ALA A 168 10.48 1.49 -6.06
N THR A 169 9.65 1.93 -5.16
CA THR A 169 10.09 2.04 -3.74
C THR A 169 9.15 1.23 -2.84
N PRO A 170 9.49 -0.05 -2.61
CA PRO A 170 8.68 -0.94 -1.76
C PRO A 170 8.63 -0.45 -0.32
N VAL A 171 7.50 0.03 0.12
CA VAL A 171 7.38 0.53 1.52
C VAL A 171 6.18 -0.13 2.20
N GLU A 172 6.18 -0.17 3.51
CA GLU A 172 5.05 -0.79 4.23
C GLU A 172 4.09 0.31 4.74
N LEU A 173 2.84 0.22 4.39
CA LEU A 173 1.87 1.26 4.85
C LEU A 173 0.78 0.61 5.68
N ASP A 174 0.28 1.29 6.68
CA ASP A 174 -0.81 0.71 7.52
C ASP A 174 -2.09 0.60 6.69
N PHE A 175 -3.09 -0.06 7.21
CA PHE A 175 -4.37 -0.19 6.45
C PHE A 175 -5.01 1.18 6.30
N SER A 176 -5.04 1.97 7.35
CA SER A 176 -5.66 3.32 7.26
C SER A 176 -4.70 4.27 6.51
N GLN A 177 -3.43 3.96 6.53
CA GLN A 177 -2.45 4.84 5.83
C GLN A 177 -2.65 4.71 4.32
N VAL A 178 -3.29 3.67 3.88
CA VAL A 178 -3.52 3.49 2.42
C VAL A 178 -4.99 3.13 2.18
N GLU A 179 -5.45 3.27 0.96
CA GLU A 179 -6.86 2.93 0.66
C GLU A 179 -6.93 1.94 -0.51
N LYS A 180 -8.02 1.27 -0.66
CA LYS A 180 -8.15 0.29 -1.78
C LYS A 180 -8.14 1.04 -3.12
N ALA A 181 -7.55 0.47 -4.13
CA ALA A 181 -7.51 1.16 -5.45
C ALA A 181 -8.93 1.21 -6.03
N ARG A 123 -18.39 2.17 2.24
CA ARG A 123 -18.07 0.99 3.10
C ARG A 123 -16.86 0.26 2.53
N PRO A 124 -15.69 0.91 2.59
CA PRO A 124 -14.44 0.32 2.08
C PRO A 124 -14.17 -1.06 2.68
N LYS A 125 -13.56 -1.94 1.93
CA LYS A 125 -13.28 -3.30 2.46
C LYS A 125 -11.86 -3.34 3.03
N THR A 126 -11.64 -4.15 4.02
CA THR A 126 -10.27 -4.23 4.63
C THR A 126 -9.62 -5.56 4.22
N LEU A 127 -10.01 -6.11 3.11
CA LEU A 127 -9.41 -7.39 2.66
C LEU A 127 -8.36 -7.13 1.58
N PHE A 128 -7.12 -7.02 1.95
CA PHE A 128 -6.05 -6.75 0.94
C PHE A 128 -5.36 -8.07 0.57
N GLU A 129 -5.26 -8.36 -0.70
CA GLU A 129 -4.60 -9.62 -1.13
C GLU A 129 -3.38 -9.30 -1.98
N PRO A 130 -2.33 -10.13 -1.90
CA PRO A 130 -1.10 -9.94 -2.65
C PRO A 130 -1.38 -9.65 -4.14
N GLY A 131 -0.84 -8.58 -4.65
CA GLY A 131 -1.07 -8.25 -6.09
C GLY A 131 -2.26 -7.29 -6.21
N GLU A 132 -2.91 -6.99 -5.12
CA GLU A 132 -4.07 -6.06 -5.18
C GLU A 132 -3.56 -4.62 -5.23
N MET A 133 -4.29 -3.75 -5.88
CA MET A 133 -3.84 -2.33 -5.98
C MET A 133 -4.26 -1.58 -4.70
N VAL A 134 -3.47 -0.64 -4.28
CA VAL A 134 -3.80 0.12 -3.04
C VAL A 134 -3.56 1.61 -3.30
N ARG A 135 -3.82 2.44 -2.32
CA ARG A 135 -3.61 3.90 -2.49
C ARG A 135 -2.95 4.48 -1.24
N VAL A 136 -2.11 5.46 -1.38
CA VAL A 136 -1.45 6.06 -0.19
C VAL A 136 -1.86 7.52 -0.05
N ASN A 137 -2.20 7.95 1.13
CA ASN A 137 -2.61 9.37 1.33
C ASN A 137 -1.81 9.97 2.48
N ASP A 138 -0.74 9.33 2.87
CA ASP A 138 0.08 9.88 3.98
C ASP A 138 1.55 9.52 3.75
N GLY A 139 2.45 10.30 4.28
CA GLY A 139 3.90 10.00 4.08
C GLY A 139 4.33 10.44 2.68
N PRO A 140 5.64 10.39 2.40
CA PRO A 140 6.19 10.78 1.10
C PRO A 140 5.53 10.02 -0.05
N PHE A 141 4.91 8.91 0.25
CA PHE A 141 4.24 8.13 -0.83
C PHE A 141 2.78 8.54 -0.95
N ALA A 142 2.40 9.59 -0.27
CA ALA A 142 0.98 10.05 -0.34
C ALA A 142 0.63 10.44 -1.78
N ASP A 143 -0.58 10.22 -2.18
CA ASP A 143 -0.97 10.58 -3.57
C ASP A 143 -0.22 9.70 -4.57
N PHE A 144 -0.19 8.42 -4.33
CA PHE A 144 0.54 7.51 -5.28
C PHE A 144 -0.19 6.16 -5.34
N ASN A 145 -0.35 5.62 -6.52
CA ASN A 145 -1.04 4.31 -6.66
C ASN A 145 0.00 3.19 -6.66
N GLY A 146 -0.30 2.09 -6.02
CA GLY A 146 0.67 0.96 -6.00
C GLY A 146 -0.07 -0.35 -5.70
N VAL A 147 0.65 -1.43 -5.58
CA VAL A 147 -0.02 -2.73 -5.28
C VAL A 147 0.62 -3.35 -4.03
N VAL A 148 -0.14 -4.09 -3.27
CA VAL A 148 0.42 -4.71 -2.05
C VAL A 148 1.09 -6.04 -2.40
N GLU A 149 2.39 -6.06 -2.49
CA GLU A 149 3.09 -7.33 -2.82
C GLU A 149 2.95 -8.32 -1.67
N GLU A 150 2.96 -7.85 -0.46
CA GLU A 150 2.82 -8.76 0.71
C GLU A 150 1.94 -8.10 1.77
N VAL A 151 1.45 -8.86 2.71
CA VAL A 151 0.58 -8.27 3.77
C VAL A 151 1.16 -8.62 5.15
N ASP A 152 0.91 -7.80 6.13
CA ASP A 152 1.43 -8.09 7.50
C ASP A 152 0.30 -7.97 8.52
N TYR A 153 -0.42 -9.03 8.75
CA TYR A 153 -1.54 -8.98 9.74
C TYR A 153 -0.98 -8.83 11.14
N GLU A 154 0.11 -9.48 11.44
CA GLU A 154 0.71 -9.38 12.80
C GLU A 154 1.09 -7.93 13.08
N LYS A 155 1.74 -7.28 12.15
CA LYS A 155 2.13 -5.87 12.36
C LYS A 155 1.01 -4.94 11.88
N SER A 156 -0.05 -5.49 11.36
CA SER A 156 -1.18 -4.64 10.88
C SER A 156 -0.66 -3.65 9.84
N ARG A 157 0.03 -4.14 8.83
CA ARG A 157 0.57 -3.22 7.79
C ARG A 157 0.54 -3.94 6.43
N LEU A 158 0.55 -3.19 5.36
CA LEU A 158 0.53 -3.82 4.02
C LEU A 158 1.80 -3.45 3.25
N LYS A 159 2.46 -4.41 2.67
CA LYS A 159 3.70 -4.10 1.90
C LYS A 159 3.33 -3.66 0.48
N VAL A 160 3.46 -2.40 0.18
CA VAL A 160 3.11 -1.92 -1.18
C VAL A 160 4.30 -1.17 -1.78
N SER A 161 4.55 -1.36 -3.05
CA SER A 161 5.70 -0.66 -3.70
C SER A 161 5.18 0.49 -4.55
N VAL A 162 5.87 1.59 -4.56
CA VAL A 162 5.41 2.76 -5.37
C VAL A 162 6.29 2.89 -6.62
N SER A 163 5.69 2.93 -7.77
CA SER A 163 6.49 3.06 -9.03
C SER A 163 6.65 4.54 -9.38
N ILE A 164 7.63 5.18 -8.81
CA ILE A 164 7.85 6.63 -9.11
C ILE A 164 9.31 6.87 -9.47
N PHE A 165 9.59 7.94 -10.17
CA PHE A 165 11.00 8.23 -10.56
C PHE A 165 11.52 7.09 -11.44
N GLY A 166 10.65 6.26 -11.94
CA GLY A 166 11.10 5.14 -12.81
C GLY A 166 11.74 4.05 -11.95
N ARG A 167 11.59 4.14 -10.65
CA ARG A 167 12.20 3.11 -9.76
C ARG A 167 11.16 2.64 -8.74
N ALA A 168 11.07 1.36 -8.52
CA ALA A 168 10.06 0.84 -7.54
C ALA A 168 10.57 1.08 -6.12
N THR A 169 9.70 1.45 -5.23
CA THR A 169 10.13 1.71 -3.82
C THR A 169 9.25 0.91 -2.86
N PRO A 170 9.51 -0.41 -2.77
CA PRO A 170 8.74 -1.30 -1.88
C PRO A 170 8.74 -0.80 -0.43
N VAL A 171 7.64 -0.27 0.02
CA VAL A 171 7.58 0.22 1.42
C VAL A 171 6.34 -0.35 2.12
N GLU A 172 6.35 -0.39 3.43
CA GLU A 172 5.18 -0.95 4.15
C GLU A 172 4.34 0.20 4.72
N LEU A 173 3.06 0.20 4.46
CA LEU A 173 2.19 1.29 4.98
C LEU A 173 1.04 0.68 5.79
N ASP A 174 0.64 1.34 6.84
CA ASP A 174 -0.49 0.80 7.66
C ASP A 174 -1.77 0.78 6.83
N PHE A 175 -2.82 0.20 7.35
CA PHE A 175 -4.09 0.14 6.59
C PHE A 175 -4.67 1.56 6.46
N SER A 176 -4.66 2.32 7.53
CA SER A 176 -5.21 3.70 7.47
C SER A 176 -4.26 4.58 6.65
N GLN A 177 -3.01 4.22 6.57
CA GLN A 177 -2.05 5.04 5.79
C GLN A 177 -2.32 4.86 4.29
N VAL A 178 -2.94 3.78 3.92
CA VAL A 178 -3.23 3.55 2.48
C VAL A 178 -4.71 3.22 2.31
N GLU A 179 -5.23 3.35 1.12
CA GLU A 179 -6.68 3.04 0.89
C GLU A 179 -6.79 1.87 -0.08
N LYS A 180 -7.83 1.09 0.04
CA LYS A 180 -8.02 -0.07 -0.88
C LYS A 180 -8.34 0.44 -2.28
N ALA A 181 -7.74 -0.14 -3.29
CA ALA A 181 -8.01 0.32 -4.69
C ALA A 181 -9.48 0.05 -5.03
#